data_7S40
#
_entry.id   7S40
#
_cell.length_a   52.034
_cell.length_b   111.349
_cell.length_c   164.768
_cell.angle_alpha   90.000
_cell.angle_beta   90.000
_cell.angle_gamma   90.000
#
_symmetry.space_group_name_H-M   'P 21 21 21'
#
loop_
_entity.id
_entity.type
_entity.pdbx_description
1 polymer 'Nitric oxide synthase, brain'
2 non-polymer 'PROTOPORPHYRIN IX CONTAINING FE'
3 non-polymer 5,6,7,8-TETRAHYDROBIOPTERIN
4 non-polymer 7-{[3-({[(6-aminopyridin-2-yl)methyl]amino}methyl)phenoxy]methyl}quinolin-2-amine
5 non-polymer 'ACETATE ION'
6 non-polymer 'ZINC ION'
7 water water
#
_entity_poly.entity_id   1
_entity_poly.type   'polypeptide(L)'
_entity_poly.pdbx_seq_one_letter_code
;CPRFLKVKNWETDVVLTDTLHLKSTLETGCTEHICMGSIMLPSQHTRKPEDVRTKDQLFPLAKEFLDQYYSSIKRFGSKA
HMDRLEEVNKEIESTSTYQLKDTELIYGAKHAWRNASRCVGRIQWSKLQVFDARDCTTAHGMFNYICNHVKYATNKGNLR
SAITIFPQRTDGKHDFRVWNSQLIRYAGYKQPDGSTLGDPANVQFTEICIQQGWKAPRGRFDVLPLLLQANGNDPELFQI
PPELVLEVPIRHPKFDWFKDLGLKWYGLPAVSNMLLEIGGLEFSACPFSGWYMGTEIGVRDYCDNSRYNILEEVAKKMDL
DMRKTSSLWKDQALVEINIAVLYSFQSDKVTIVDHHSATESFIKHMENEYRCRGGCPADWVWIVPPMSGSITPVFHQEML
NYRLTPSFEYQPDPWNTHVWKG
;
_entity_poly.pdbx_strand_id   A,B
#
loop_
_chem_comp.id
_chem_comp.type
_chem_comp.name
_chem_comp.formula
ACT non-polymer 'ACETATE ION' 'C2 H3 O2 -1'
H4B non-polymer 5,6,7,8-TETRAHYDROBIOPTERIN 'C9 H15 N5 O3'
HEM non-polymer 'PROTOPORPHYRIN IX CONTAINING FE' 'C34 H32 Fe N4 O4'
V54 non-polymer 7-{[3-({[(6-aminopyridin-2-yl)methyl]amino}methyl)phenoxy]methyl}quinolin-2-amine 'C23 H23 N5 O'
ZN non-polymer 'ZINC ION' 'Zn 2'
#
# COMPACT_ATOMS: atom_id res chain seq x y z
N ARG A 3 6.16 -23.90 -0.08
CA ARG A 3 6.85 -22.88 -0.87
C ARG A 3 6.33 -22.82 -2.31
N PHE A 4 5.13 -23.34 -2.53
CA PHE A 4 4.35 -23.09 -3.73
C PHE A 4 3.23 -22.14 -3.29
N LEU A 5 3.56 -20.85 -3.26
CA LEU A 5 2.79 -19.88 -2.48
C LEU A 5 1.43 -19.59 -3.10
N LYS A 6 0.52 -19.11 -2.26
CA LYS A 6 -0.85 -18.80 -2.64
C LYS A 6 -1.16 -17.34 -2.35
N VAL A 7 -1.94 -16.72 -3.21
CA VAL A 7 -2.42 -15.36 -3.02
C VAL A 7 -3.94 -15.39 -3.05
N LYS A 8 -4.56 -14.71 -2.09
CA LYS A 8 -6.00 -14.66 -1.98
C LYS A 8 -6.50 -13.26 -2.31
N ASN A 9 -7.62 -13.20 -3.05
CA ASN A 9 -8.39 -11.96 -3.20
C ASN A 9 -9.48 -11.98 -2.14
N TRP A 10 -9.43 -11.03 -1.21
CA TRP A 10 -10.36 -11.07 -0.07
C TRP A 10 -11.75 -10.55 -0.42
N GLU A 11 -11.91 -9.88 -1.56
CA GLU A 11 -13.23 -9.49 -2.04
C GLU A 11 -13.97 -10.67 -2.66
N THR A 12 -13.24 -11.55 -3.35
CA THR A 12 -13.83 -12.61 -4.16
C THR A 12 -13.46 -14.02 -3.72
N ASP A 13 -12.59 -14.17 -2.73
CA ASP A 13 -12.02 -15.45 -2.28
C ASP A 13 -11.28 -16.22 -3.37
N VAL A 14 -11.07 -15.62 -4.54
CA VAL A 14 -10.28 -16.31 -5.56
C VAL A 14 -8.85 -16.51 -5.04
N VAL A 15 -8.36 -17.74 -5.14
CA VAL A 15 -7.03 -18.11 -4.68
C VAL A 15 -6.20 -18.54 -5.88
N LEU A 16 -5.05 -17.90 -6.07
CA LEU A 16 -4.11 -18.25 -7.12
C LEU A 16 -2.86 -18.83 -6.48
N THR A 17 -2.27 -19.82 -7.15
CA THR A 17 -1.06 -20.48 -6.67
C THR A 17 0.12 -20.03 -7.52
N ASP A 18 1.17 -19.56 -6.87
CA ASP A 18 2.32 -18.96 -7.55
C ASP A 18 3.49 -19.93 -7.50
N THR A 19 3.93 -20.38 -8.67
CA THR A 19 5.18 -21.11 -8.80
C THR A 19 6.27 -20.31 -9.50
N LEU A 20 5.90 -19.21 -10.16
CA LEU A 20 6.86 -18.45 -10.96
C LEU A 20 7.93 -17.83 -10.10
N HIS A 21 7.62 -17.54 -8.83
CA HIS A 21 8.60 -16.88 -7.96
C HIS A 21 9.84 -17.73 -7.76
N LEU A 22 9.71 -19.05 -7.88
CA LEU A 22 10.88 -19.92 -7.74
C LEU A 22 11.86 -19.74 -8.89
N LYS A 23 11.43 -19.15 -10.00
CA LYS A 23 12.37 -18.78 -11.05
C LYS A 23 13.14 -17.49 -10.73
N SER A 24 12.71 -16.74 -9.70
CA SER A 24 13.32 -15.45 -9.41
C SER A 24 14.80 -15.61 -9.09
N THR A 25 15.59 -14.61 -9.48
CA THR A 25 17.02 -14.63 -9.27
C THR A 25 17.48 -13.51 -8.33
N LEU A 26 17.20 -12.26 -8.68
CA LEU A 26 17.69 -11.12 -7.92
C LEU A 26 16.97 -11.02 -6.57
N GLU A 27 17.37 -10.01 -5.79
CA GLU A 27 17.00 -9.92 -4.39
C GLU A 27 16.04 -8.76 -4.15
N THR A 28 15.20 -8.90 -3.11
CA THR A 28 14.13 -7.94 -2.85
C THR A 28 14.54 -6.79 -1.94
N GLY A 29 15.58 -6.96 -1.14
CA GLY A 29 15.87 -6.04 -0.07
C GLY A 29 15.28 -6.43 1.28
N CYS A 30 14.24 -7.26 1.30
CA CYS A 30 13.69 -7.74 2.57
C CYS A 30 14.54 -8.86 3.15
N THR A 31 14.28 -9.19 4.42
CA THR A 31 14.79 -10.38 5.08
C THR A 31 13.66 -11.01 5.88
N GLU A 32 13.96 -12.10 6.58
CA GLU A 32 12.95 -12.68 7.47
C GLU A 32 12.72 -11.79 8.69
N HIS A 33 13.65 -10.89 8.99
CA HIS A 33 13.48 -10.00 10.13
C HIS A 33 12.95 -8.62 9.76
N ILE A 34 13.01 -8.19 8.49
CA ILE A 34 12.50 -6.85 8.21
C ILE A 34 12.01 -6.77 6.77
N CYS A 35 10.82 -6.20 6.60
CA CYS A 35 10.22 -6.00 5.29
C CYS A 35 10.48 -4.57 4.84
N MET A 36 11.11 -4.44 3.68
CA MET A 36 11.40 -3.15 3.07
C MET A 36 10.47 -2.81 1.92
N GLY A 37 9.25 -3.34 1.94
CA GLY A 37 8.34 -3.20 0.81
C GLY A 37 7.87 -1.78 0.52
N SER A 38 8.09 -0.82 1.43
CA SER A 38 7.74 0.56 1.16
C SER A 38 8.95 1.44 0.92
N ILE A 39 10.15 0.86 0.80
CA ILE A 39 11.33 1.63 0.44
C ILE A 39 11.26 1.91 -1.06
N MET A 40 11.47 3.18 -1.42
CA MET A 40 11.34 3.60 -2.83
C MET A 40 12.34 2.89 -3.73
N LEU A 41 13.59 2.80 -3.31
CA LEU A 41 14.59 2.11 -4.11
C LEU A 41 15.63 1.44 -3.22
N PRO A 42 15.62 0.12 -3.11
CA PRO A 42 16.72 -0.58 -2.44
C PRO A 42 18.02 -0.53 -3.24
N SER A 43 18.45 -1.68 -3.74
CA SER A 43 19.78 -1.88 -4.37
C SER A 43 20.91 -1.65 -3.37
N ASP A 51 32.83 -1.25 -12.87
CA ASP A 51 31.37 -1.32 -12.93
C ASP A 51 30.90 -2.35 -13.95
N VAL A 52 31.66 -2.50 -15.03
CA VAL A 52 31.25 -3.39 -16.11
C VAL A 52 31.22 -4.84 -15.61
N ARG A 53 30.34 -5.63 -16.23
CA ARG A 53 30.23 -7.05 -15.89
C ARG A 53 31.49 -7.79 -16.29
N THR A 54 32.09 -8.50 -15.34
CA THR A 54 33.28 -9.27 -15.64
C THR A 54 32.97 -10.36 -16.67
N LYS A 55 34.03 -10.92 -17.26
CA LYS A 55 33.85 -11.95 -18.26
C LYS A 55 33.12 -13.17 -17.71
N ASP A 56 33.17 -13.38 -16.40
CA ASP A 56 32.62 -14.60 -15.80
C ASP A 56 31.10 -14.51 -15.63
N GLN A 57 30.62 -13.49 -14.92
CA GLN A 57 29.19 -13.42 -14.62
C GLN A 57 28.33 -13.29 -15.86
N LEU A 58 28.91 -13.05 -17.04
CA LEU A 58 28.09 -12.74 -18.19
C LEU A 58 27.51 -14.00 -18.84
N PHE A 59 28.28 -15.08 -18.94
CA PHE A 59 27.74 -16.25 -19.63
C PHE A 59 26.57 -16.90 -18.91
N PRO A 60 26.59 -17.06 -17.58
CA PRO A 60 25.38 -17.60 -16.92
C PRO A 60 24.15 -16.75 -17.17
N LEU A 61 24.30 -15.42 -17.13
CA LEU A 61 23.20 -14.53 -17.42
C LEU A 61 22.64 -14.75 -18.82
N ALA A 62 23.53 -14.91 -19.81
CA ALA A 62 23.10 -15.13 -21.19
C ALA A 62 22.46 -16.51 -21.34
N LYS A 63 23.03 -17.53 -20.70
CA LYS A 63 22.47 -18.87 -20.78
C LYS A 63 21.03 -18.89 -20.25
N GLU A 64 20.81 -18.30 -19.08
CA GLU A 64 19.47 -18.28 -18.51
C GLU A 64 18.49 -17.56 -19.42
N PHE A 65 18.91 -16.42 -19.99
CA PHE A 65 18.04 -15.69 -20.90
C PHE A 65 17.73 -16.51 -22.16
N LEU A 66 18.76 -17.07 -22.79
CA LEU A 66 18.53 -17.86 -24.00
C LEU A 66 17.73 -19.11 -23.70
N ASP A 67 17.90 -19.68 -22.51
CA ASP A 67 17.10 -20.84 -22.14
C ASP A 67 15.61 -20.50 -22.13
N GLN A 68 15.24 -19.38 -21.51
CA GLN A 68 13.82 -19.02 -21.49
C GLN A 68 13.34 -18.52 -22.85
N TYR A 69 14.23 -17.96 -23.68
CA TYR A 69 13.81 -17.56 -25.01
C TYR A 69 13.44 -18.77 -25.86
N TYR A 70 14.30 -19.79 -25.88
CA TYR A 70 14.02 -20.94 -26.73
C TYR A 70 12.88 -21.78 -26.20
N SER A 71 12.64 -21.74 -24.89
CA SER A 71 11.44 -22.38 -24.35
C SER A 71 10.18 -21.70 -24.87
N SER A 72 10.19 -20.36 -24.93
CA SER A 72 9.00 -19.62 -25.34
C SER A 72 8.61 -19.89 -26.78
N ILE A 73 9.57 -20.25 -27.63
CA ILE A 73 9.27 -20.60 -29.02
C ILE A 73 9.18 -22.11 -29.19
N LYS A 74 9.07 -22.85 -28.09
CA LYS A 74 8.93 -24.32 -28.10
C LYS A 74 10.08 -24.98 -28.86
N ARG A 75 11.29 -24.46 -28.66
CA ARG A 75 12.47 -25.07 -29.25
C ARG A 75 13.55 -25.30 -28.20
N PHE A 76 13.14 -25.52 -26.96
CA PHE A 76 14.08 -25.89 -25.91
C PHE A 76 14.77 -27.19 -26.27
N GLY A 77 16.08 -27.23 -26.06
CA GLY A 77 16.82 -28.45 -26.33
C GLY A 77 16.83 -28.86 -27.80
N SER A 78 16.83 -27.88 -28.69
CA SER A 78 16.86 -28.13 -30.13
C SER A 78 18.21 -27.74 -30.69
N LYS A 79 18.43 -28.14 -31.95
CA LYS A 79 19.64 -27.76 -32.68
C LYS A 79 19.88 -26.26 -32.60
N ALA A 80 18.89 -25.47 -33.03
CA ALA A 80 18.99 -24.02 -32.99
C ALA A 80 19.34 -23.52 -31.59
N HIS A 81 18.71 -24.09 -30.56
CA HIS A 81 18.98 -23.65 -29.19
C HIS A 81 20.44 -23.90 -28.82
N MET A 82 20.88 -25.17 -28.91
CA MET A 82 22.25 -25.50 -28.56
C MET A 82 23.26 -24.71 -29.40
N ASP A 83 22.97 -24.55 -30.69
CA ASP A 83 23.87 -23.80 -31.56
C ASP A 83 24.01 -22.36 -31.10
N ARG A 84 22.89 -21.70 -30.81
CA ARG A 84 22.93 -20.33 -30.33
C ARG A 84 23.65 -20.23 -29.00
N LEU A 85 23.45 -21.20 -28.11
CA LEU A 85 24.18 -21.23 -26.85
C LEU A 85 25.68 -21.26 -27.11
N GLU A 86 26.12 -22.18 -27.97
CA GLU A 86 27.52 -22.26 -28.34
C GLU A 86 28.01 -20.96 -28.97
N GLU A 87 27.21 -20.40 -29.89
CA GLU A 87 27.61 -19.18 -30.59
C GLU A 87 27.83 -18.03 -29.61
N VAL A 88 26.89 -17.79 -28.71
CA VAL A 88 27.07 -16.74 -27.71
C VAL A 88 28.23 -17.07 -26.79
N ASN A 89 28.36 -18.33 -26.40
CA ASN A 89 29.47 -18.77 -25.55
C ASN A 89 30.81 -18.41 -26.17
N LYS A 90 30.94 -18.59 -27.49
CA LYS A 90 32.20 -18.28 -28.15
C LYS A 90 32.41 -16.77 -28.28
N GLU A 91 31.33 -16.04 -28.54
CA GLU A 91 31.42 -14.59 -28.69
C GLU A 91 31.87 -13.93 -27.40
N ILE A 92 31.37 -14.43 -26.26
CA ILE A 92 31.75 -13.88 -24.95
C ILE A 92 33.21 -14.21 -24.65
N GLU A 93 33.61 -15.47 -24.84
CA GLU A 93 34.99 -15.87 -24.62
C GLU A 93 35.97 -14.95 -25.34
N SER A 94 35.60 -14.50 -26.54
CA SER A 94 36.48 -13.68 -27.37
C SER A 94 36.27 -12.20 -27.11
N THR A 95 35.06 -11.69 -27.35
CA THR A 95 34.80 -10.27 -27.35
C THR A 95 34.52 -9.70 -25.96
N SER A 96 34.35 -10.55 -24.94
CA SER A 96 34.01 -10.16 -23.57
C SER A 96 32.63 -9.52 -23.47
N THR A 97 31.81 -9.69 -24.51
CA THR A 97 30.40 -9.33 -24.50
C THR A 97 29.73 -10.11 -25.63
N TYR A 98 28.50 -9.74 -25.98
CA TYR A 98 27.82 -10.38 -27.09
C TYR A 98 26.66 -9.50 -27.52
N GLN A 99 26.17 -9.77 -28.73
CA GLN A 99 25.10 -8.99 -29.35
C GLN A 99 23.85 -9.85 -29.43
N LEU A 100 22.70 -9.24 -29.14
CA LEU A 100 21.43 -9.93 -29.22
C LEU A 100 20.94 -9.96 -30.66
N LYS A 101 20.35 -11.08 -31.05
CA LYS A 101 19.58 -11.10 -32.28
C LYS A 101 18.34 -10.24 -32.11
N ASP A 102 17.86 -9.68 -33.23
CA ASP A 102 16.66 -8.85 -33.20
C ASP A 102 15.50 -9.55 -32.48
N THR A 103 15.25 -10.82 -32.84
CA THR A 103 14.20 -11.58 -32.18
C THR A 103 14.40 -11.62 -30.67
N GLU A 104 15.66 -11.84 -30.23
CA GLU A 104 15.98 -11.85 -28.80
C GLU A 104 15.78 -10.48 -28.18
N LEU A 105 16.12 -9.42 -28.90
CA LEU A 105 15.97 -8.07 -28.37
C LEU A 105 14.51 -7.74 -28.12
N ILE A 106 13.64 -8.09 -29.08
CA ILE A 106 12.22 -7.81 -28.94
C ILE A 106 11.63 -8.61 -27.79
N TYR A 107 12.01 -9.88 -27.70
CA TYR A 107 11.54 -10.72 -26.60
C TYR A 107 11.99 -10.14 -25.25
N GLY A 108 13.26 -9.78 -25.16
CA GLY A 108 13.77 -9.23 -23.90
C GLY A 108 13.05 -7.97 -23.46
N ALA A 109 12.78 -7.06 -24.40
CA ALA A 109 12.12 -5.81 -24.04
C ALA A 109 10.67 -6.05 -23.60
N LYS A 110 9.94 -6.88 -24.34
CA LYS A 110 8.55 -7.14 -23.97
C LYS A 110 8.49 -7.78 -22.59
N HIS A 111 9.45 -8.66 -22.27
CA HIS A 111 9.40 -9.35 -20.97
C HIS A 111 9.94 -8.50 -19.82
N ALA A 112 10.83 -7.53 -20.11
CA ALA A 112 11.17 -6.55 -19.10
C ALA A 112 9.94 -5.79 -18.62
N TRP A 113 9.03 -5.47 -19.56
CA TRP A 113 7.76 -4.86 -19.17
C TRP A 113 6.87 -5.85 -18.46
N ARG A 114 6.75 -7.07 -19.01
CA ARG A 114 5.96 -8.12 -18.39
C ARG A 114 6.36 -8.34 -16.93
N ASN A 115 7.65 -8.19 -16.64
CA ASN A 115 8.19 -8.44 -15.30
C ASN A 115 8.19 -7.21 -14.39
N ALA A 116 7.65 -6.07 -14.83
CA ALA A 116 7.78 -4.82 -14.06
C ALA A 116 6.73 -4.82 -12.96
N SER A 117 7.11 -5.34 -11.80
CA SER A 117 6.11 -5.64 -10.76
C SER A 117 5.37 -4.40 -10.28
N ARG A 118 5.87 -3.20 -10.56
CA ARG A 118 5.22 -1.98 -10.13
C ARG A 118 4.26 -1.42 -11.15
N CYS A 119 4.07 -2.10 -12.29
CA CYS A 119 3.33 -1.54 -13.42
C CYS A 119 1.92 -2.14 -13.47
N VAL A 120 0.90 -1.29 -13.34
CA VAL A 120 -0.49 -1.74 -13.42
C VAL A 120 -0.96 -1.94 -14.85
N GLY A 121 -0.20 -1.47 -15.84
CA GLY A 121 -0.64 -1.48 -17.22
C GLY A 121 -0.15 -2.66 -18.04
N ARG A 122 0.32 -3.73 -17.37
CA ARG A 122 1.02 -4.81 -18.02
C ARG A 122 0.13 -5.77 -18.82
N ILE A 123 -1.20 -5.62 -18.79
CA ILE A 123 -2.01 -6.48 -19.63
C ILE A 123 -1.65 -6.29 -21.10
N GLN A 124 -1.02 -5.16 -21.42
CA GLN A 124 -0.65 -4.76 -22.77
C GLN A 124 0.76 -5.19 -23.15
N TRP A 125 1.42 -6.00 -22.33
CA TRP A 125 2.88 -6.15 -22.40
C TRP A 125 3.34 -6.70 -23.74
N SER A 126 2.56 -7.57 -24.38
CA SER A 126 3.02 -8.19 -25.61
C SER A 126 2.82 -7.30 -26.84
N LYS A 127 2.04 -6.23 -26.72
CA LYS A 127 1.82 -5.29 -27.81
C LYS A 127 2.72 -4.08 -27.61
N LEU A 128 4.01 -4.32 -27.79
CA LEU A 128 5.05 -3.31 -27.62
C LEU A 128 5.83 -3.20 -28.92
N GLN A 129 5.94 -1.97 -29.43
CA GLN A 129 6.70 -1.70 -30.63
C GLN A 129 8.15 -1.39 -30.23
N VAL A 130 9.08 -2.19 -30.72
CA VAL A 130 10.47 -2.12 -30.31
C VAL A 130 11.24 -1.47 -31.45
N PHE A 131 11.86 -0.32 -31.18
CA PHE A 131 12.71 0.34 -32.16
C PHE A 131 14.18 0.09 -31.82
N ASP A 132 14.87 -0.63 -32.73
CA ASP A 132 16.28 -0.98 -32.58
C ASP A 132 17.13 0.22 -33.00
N ALA A 133 17.68 0.92 -32.03
CA ALA A 133 18.55 2.06 -32.29
C ALA A 133 20.01 1.73 -31.99
N ARG A 134 20.37 0.45 -31.99
CA ARG A 134 21.72 0.08 -31.61
C ARG A 134 22.78 0.52 -32.61
N ASP A 135 22.39 1.04 -33.77
CA ASP A 135 23.33 1.55 -34.76
C ASP A 135 23.64 3.04 -34.59
N CYS A 136 23.11 3.66 -33.53
CA CYS A 136 23.21 5.09 -33.33
C CYS A 136 24.60 5.46 -32.78
N THR A 137 25.11 6.63 -33.20
CA THR A 137 26.44 7.06 -32.75
C THR A 137 26.51 8.47 -32.17
N THR A 138 25.50 9.32 -32.38
CA THR A 138 25.60 10.72 -31.99
C THR A 138 24.33 11.18 -31.29
N ALA A 139 24.45 12.27 -30.54
CA ALA A 139 23.29 12.88 -29.91
C ALA A 139 22.28 13.32 -30.95
N HIS A 140 22.76 13.86 -32.09
CA HIS A 140 21.86 14.18 -33.19
C HIS A 140 21.12 12.94 -33.66
N GLY A 141 21.83 11.82 -33.78
CA GLY A 141 21.16 10.57 -34.13
C GLY A 141 20.13 10.17 -33.08
N MET A 142 20.49 10.26 -31.81
CA MET A 142 19.54 9.97 -30.73
C MET A 142 18.31 10.85 -30.85
N PHE A 143 18.52 12.14 -31.11
CA PHE A 143 17.41 13.07 -31.29
C PHE A 143 16.46 12.58 -32.39
N ASN A 144 17.03 12.18 -33.53
CA ASN A 144 16.23 11.67 -34.65
C ASN A 144 15.42 10.46 -34.23
N TYR A 145 16.08 9.49 -33.59
CA TYR A 145 15.38 8.29 -33.15
C TYR A 145 14.25 8.65 -32.19
N ILE A 146 14.49 9.63 -31.32
CA ILE A 146 13.49 9.97 -30.29
C ILE A 146 12.31 10.71 -30.92
N CYS A 147 12.57 11.65 -31.86
CA CYS A 147 11.46 12.28 -32.57
C CYS A 147 10.60 11.23 -33.26
N ASN A 148 11.23 10.23 -33.89
CA ASN A 148 10.48 9.20 -34.58
C ASN A 148 9.64 8.39 -33.60
N HIS A 149 10.21 8.10 -32.44
CA HIS A 149 9.49 7.43 -31.37
C HIS A 149 8.28 8.23 -30.92
N VAL A 150 8.50 9.49 -30.58
CA VAL A 150 7.42 10.36 -30.12
C VAL A 150 6.30 10.42 -31.14
N LYS A 151 6.64 10.59 -32.43
CA LYS A 151 5.61 10.66 -33.45
C LYS A 151 4.86 9.33 -33.59
N TYR A 152 5.59 8.21 -33.60
CA TYR A 152 4.95 6.91 -33.74
C TYR A 152 4.03 6.60 -32.56
N ALA A 153 4.52 6.88 -31.35
CA ALA A 153 3.76 6.54 -30.14
C ALA A 153 2.56 7.46 -29.97
N THR A 154 2.69 8.72 -30.41
CA THR A 154 1.60 9.67 -30.22
C THR A 154 0.46 9.35 -31.18
N ASN A 155 0.76 9.17 -32.47
CA ASN A 155 -0.22 8.65 -33.42
C ASN A 155 -1.49 9.49 -33.41
N LYS A 156 -1.30 10.80 -33.32
CA LYS A 156 -2.40 11.77 -33.33
C LYS A 156 -3.43 11.49 -32.24
N GLY A 157 -2.95 11.02 -31.08
CA GLY A 157 -3.79 10.79 -29.93
C GLY A 157 -4.21 9.35 -29.71
N ASN A 158 -4.05 8.49 -30.72
CA ASN A 158 -4.33 7.06 -30.57
C ASN A 158 -3.03 6.37 -30.15
N LEU A 159 -2.66 6.59 -28.88
CA LEU A 159 -1.32 6.26 -28.42
C LEU A 159 -1.00 4.78 -28.58
N ARG A 160 0.28 4.50 -28.84
CA ARG A 160 0.80 3.16 -29.06
C ARG A 160 2.06 3.02 -28.22
N SER A 161 2.18 1.90 -27.50
CA SER A 161 3.36 1.64 -26.70
C SER A 161 4.58 1.40 -27.56
N ALA A 162 5.74 1.87 -27.09
CA ALA A 162 6.97 1.73 -27.86
C ALA A 162 8.17 1.90 -26.94
N ILE A 163 9.28 1.30 -27.34
CA ILE A 163 10.56 1.47 -26.68
C ILE A 163 11.60 1.66 -27.77
N THR A 164 12.56 2.54 -27.54
CA THR A 164 13.70 2.71 -28.43
C THR A 164 14.95 2.37 -27.65
N ILE A 165 15.76 1.44 -28.19
CA ILE A 165 16.87 0.85 -27.47
C ILE A 165 18.16 1.30 -28.13
N PHE A 166 18.92 2.12 -27.42
CA PHE A 166 20.21 2.62 -27.88
C PHE A 166 21.30 1.63 -27.53
N PRO A 167 22.52 1.82 -28.06
CA PRO A 167 23.56 0.82 -27.88
C PRO A 167 23.82 0.48 -26.43
N GLN A 168 24.22 -0.78 -26.19
CA GLN A 168 24.40 -1.27 -24.83
C GLN A 168 25.70 -0.76 -24.24
N ARG A 169 25.72 -0.68 -22.91
CA ARG A 169 26.94 -0.32 -22.19
C ARG A 169 28.07 -1.26 -22.59
N THR A 170 29.27 -0.69 -22.73
CA THR A 170 30.46 -1.46 -23.04
C THR A 170 31.38 -1.52 -21.81
N ASP A 171 31.99 -0.39 -21.45
CA ASP A 171 32.91 -0.34 -20.31
C ASP A 171 32.56 0.77 -19.32
N GLY A 172 31.35 1.32 -19.38
CA GLY A 172 30.94 2.37 -18.47
C GLY A 172 31.45 3.75 -18.79
N LYS A 173 32.41 3.87 -19.71
CA LYS A 173 32.92 5.15 -20.18
C LYS A 173 32.19 5.67 -21.42
N HIS A 174 31.47 4.80 -22.13
CA HIS A 174 30.86 5.12 -23.42
C HIS A 174 29.35 4.99 -23.35
N ASP A 175 28.77 5.40 -22.22
CA ASP A 175 27.35 5.18 -21.97
C ASP A 175 26.49 6.08 -22.84
N PHE A 176 25.43 5.52 -23.42
CA PHE A 176 24.35 6.31 -23.98
C PHE A 176 23.35 6.61 -22.87
N ARG A 177 22.96 7.88 -22.75
CA ARG A 177 22.05 8.28 -21.67
C ARG A 177 21.14 9.40 -22.13
N VAL A 178 19.84 9.25 -21.89
CA VAL A 178 18.90 10.35 -21.95
C VAL A 178 18.85 10.99 -20.57
N TRP A 179 19.22 12.26 -20.48
CA TRP A 179 19.31 12.92 -19.17
C TRP A 179 17.95 13.34 -18.63
N ASN A 180 16.97 13.53 -19.49
CA ASN A 180 15.63 13.80 -19.00
C ASN A 180 15.09 12.55 -18.32
N SER A 181 14.21 12.77 -17.33
CA SER A 181 13.54 11.64 -16.69
C SER A 181 12.37 11.14 -17.53
N GLN A 182 11.69 12.05 -18.22
CA GLN A 182 10.75 11.70 -19.28
C GLN A 182 11.08 12.52 -20.51
N LEU A 183 10.71 12.01 -21.69
CA LEU A 183 10.97 12.72 -22.93
C LEU A 183 10.27 14.07 -22.95
N ILE A 184 9.07 14.15 -22.37
CA ILE A 184 8.26 15.36 -22.34
C ILE A 184 7.95 15.65 -20.88
N ARG A 185 8.44 16.80 -20.39
CA ARG A 185 8.19 17.23 -19.03
C ARG A 185 8.22 18.76 -19.00
N TYR A 186 7.50 19.35 -18.05
CA TYR A 186 7.40 20.80 -17.95
C TYR A 186 8.51 21.35 -17.05
N ALA A 187 9.02 22.52 -17.43
CA ALA A 187 10.09 23.18 -16.69
C ALA A 187 9.61 23.65 -15.32
N GLY A 188 10.57 23.86 -14.43
CA GLY A 188 10.32 24.40 -13.10
C GLY A 188 11.38 25.40 -12.71
N TYR A 189 10.95 26.55 -12.22
CA TYR A 189 11.86 27.64 -11.90
C TYR A 189 11.63 28.10 -10.47
N LYS A 190 12.72 28.37 -9.75
CA LYS A 190 12.62 28.94 -8.42
C LYS A 190 12.38 30.44 -8.51
N GLN A 191 11.47 30.93 -7.70
CA GLN A 191 11.12 32.34 -7.77
C GLN A 191 11.96 33.16 -6.79
N PRO A 192 12.08 34.47 -7.02
CA PRO A 192 12.80 35.30 -6.04
C PRO A 192 12.14 35.31 -4.67
N ASP A 193 10.81 35.27 -4.62
CA ASP A 193 10.11 35.34 -3.34
C ASP A 193 10.23 34.03 -2.56
N GLY A 194 10.29 32.90 -3.24
CA GLY A 194 10.44 31.63 -2.55
C GLY A 194 9.66 30.49 -3.15
N SER A 195 8.58 30.80 -3.87
CA SER A 195 7.73 29.76 -4.45
C SER A 195 8.36 29.23 -5.73
N THR A 196 7.58 28.47 -6.50
CA THR A 196 8.10 27.79 -7.68
C THR A 196 7.09 27.90 -8.82
N LEU A 197 7.55 28.38 -9.97
CA LEU A 197 6.74 28.47 -11.17
C LEU A 197 7.01 27.24 -12.04
N GLY A 198 5.94 26.59 -12.50
CA GLY A 198 6.08 25.39 -13.29
C GLY A 198 6.11 24.14 -12.44
N ASP A 199 6.91 23.15 -12.84
CA ASP A 199 6.91 21.87 -12.15
C ASP A 199 8.06 21.82 -11.15
N PRO A 200 7.78 21.80 -9.83
CA PRO A 200 8.88 21.77 -8.86
C PRO A 200 9.76 20.52 -8.95
N ALA A 201 9.24 19.41 -9.47
CA ALA A 201 10.04 18.20 -9.60
C ALA A 201 11.20 18.37 -10.55
N ASN A 202 11.12 19.37 -11.44
CA ASN A 202 12.07 19.53 -12.53
C ASN A 202 12.91 20.80 -12.36
N VAL A 203 13.11 21.22 -11.12
CA VAL A 203 13.84 22.47 -10.89
C VAL A 203 15.33 22.29 -11.13
N GLN A 204 15.92 21.20 -10.60
CA GLN A 204 17.33 20.98 -10.85
C GLN A 204 17.60 20.69 -12.32
N PHE A 205 16.72 19.93 -12.97
CA PHE A 205 16.90 19.69 -14.40
C PHE A 205 16.73 20.97 -15.20
N THR A 206 15.67 21.73 -14.91
CA THR A 206 15.47 23.00 -15.62
C THR A 206 16.67 23.92 -15.42
N GLU A 207 17.33 23.81 -14.26
CA GLU A 207 18.55 24.60 -14.05
C GLU A 207 19.67 24.11 -14.94
N ILE A 208 19.90 22.80 -14.99
CA ILE A 208 20.98 22.25 -15.81
C ILE A 208 20.80 22.66 -17.27
N CYS A 209 19.55 22.62 -17.77
CA CYS A 209 19.30 23.02 -19.16
C CYS A 209 19.63 24.49 -19.37
N ILE A 210 19.19 25.35 -18.45
CA ILE A 210 19.53 26.77 -18.54
C ILE A 210 21.02 26.96 -18.36
N GLN A 211 21.58 26.33 -17.32
CA GLN A 211 23.03 26.26 -17.04
C GLN A 211 23.79 25.53 -18.13
N GLN A 212 23.11 25.31 -19.26
CA GLN A 212 23.68 24.67 -20.43
C GLN A 212 23.50 25.44 -21.72
N GLY A 213 22.54 26.36 -21.78
CA GLY A 213 22.29 27.13 -22.99
C GLY A 213 20.83 27.33 -23.30
N TRP A 214 19.96 26.52 -22.70
CA TRP A 214 18.54 26.60 -22.99
C TRP A 214 17.98 27.96 -22.58
N LYS A 215 17.43 28.69 -23.55
CA LYS A 215 16.75 29.96 -23.26
C LYS A 215 15.33 29.64 -22.81
N ALA A 216 15.09 29.79 -21.53
CA ALA A 216 13.82 29.37 -20.94
C ALA A 216 12.75 30.42 -21.19
N PRO A 217 11.55 30.03 -21.64
CA PRO A 217 10.44 31.00 -21.69
C PRO A 217 9.94 31.42 -20.32
N ARG A 218 10.26 30.66 -19.27
CA ARG A 218 9.82 30.93 -17.90
C ARG A 218 8.30 31.03 -17.82
N GLY A 219 7.63 30.07 -18.47
CA GLY A 219 6.21 29.89 -18.33
C GLY A 219 5.87 28.81 -17.31
N ARG A 220 4.57 28.55 -17.18
CA ARG A 220 4.12 27.55 -16.22
C ARG A 220 4.18 26.15 -16.80
N PHE A 221 4.12 26.02 -18.12
CA PHE A 221 4.13 24.73 -18.81
C PHE A 221 5.09 24.79 -20.00
N ASP A 222 6.37 25.01 -19.73
CA ASP A 222 7.39 25.04 -20.78
C ASP A 222 7.90 23.63 -21.01
N VAL A 223 7.71 23.11 -22.22
CA VAL A 223 8.25 21.80 -22.57
C VAL A 223 9.77 21.87 -22.54
N LEU A 224 10.36 20.98 -21.74
CA LEU A 224 11.80 20.96 -21.56
C LEU A 224 12.50 20.47 -22.82
N PRO A 225 13.72 20.94 -23.07
CA PRO A 225 14.50 20.43 -24.20
C PRO A 225 15.04 19.04 -23.88
N LEU A 226 15.41 18.31 -24.94
CA LEU A 226 16.08 17.05 -24.71
C LEU A 226 17.56 17.31 -24.44
N LEU A 227 18.16 16.44 -23.64
CA LEU A 227 19.55 16.56 -23.22
C LEU A 227 20.15 15.18 -23.41
N LEU A 228 20.86 14.98 -24.52
CA LEU A 228 21.16 13.65 -25.03
C LEU A 228 22.66 13.39 -24.98
N GLN A 229 23.02 12.23 -24.42
CA GLN A 229 24.40 11.82 -24.27
C GLN A 229 24.65 10.58 -25.10
N ALA A 230 25.54 10.68 -26.07
CA ALA A 230 25.93 9.57 -26.93
C ALA A 230 27.39 9.20 -26.66
N ASN A 231 27.65 7.90 -26.56
CA ASN A 231 28.99 7.37 -26.41
C ASN A 231 29.74 8.01 -25.23
N GLY A 232 29.02 8.50 -24.23
CA GLY A 232 29.65 9.10 -23.07
C GLY A 232 30.19 10.51 -23.26
N ASN A 233 29.94 11.14 -24.40
CA ASN A 233 30.38 12.53 -24.58
C ASN A 233 29.47 13.47 -23.78
N ASP A 234 29.84 14.75 -23.78
CA ASP A 234 28.99 15.74 -23.14
C ASP A 234 27.62 15.76 -23.80
N PRO A 235 26.54 15.94 -23.03
CA PRO A 235 25.20 15.90 -23.62
C PRO A 235 24.88 17.16 -24.41
N GLU A 236 23.87 17.06 -25.27
CA GLU A 236 23.52 18.14 -26.18
C GLU A 236 22.05 18.48 -26.06
N LEU A 237 21.75 19.76 -26.16
CA LEU A 237 20.36 20.24 -26.11
C LEU A 237 19.68 20.15 -27.47
N PHE A 238 18.43 19.68 -27.45
CA PHE A 238 17.58 19.66 -28.63
C PHE A 238 16.16 20.01 -28.23
N GLN A 239 15.46 20.76 -29.08
CA GLN A 239 14.06 21.10 -28.87
C GLN A 239 13.17 20.16 -29.69
N ILE A 240 12.33 19.40 -29.00
CA ILE A 240 11.34 18.56 -29.69
C ILE A 240 10.39 19.45 -30.49
N PRO A 241 10.16 19.17 -31.77
CA PRO A 241 9.20 19.95 -32.55
C PRO A 241 7.85 20.02 -31.86
N PRO A 242 7.32 21.22 -31.65
CA PRO A 242 6.05 21.35 -30.92
C PRO A 242 4.92 20.55 -31.52
N GLU A 243 4.86 20.43 -32.85
CA GLU A 243 3.78 19.68 -33.47
C GLU A 243 3.86 18.19 -33.14
N LEU A 244 4.96 17.72 -32.56
CA LEU A 244 5.07 16.35 -32.10
C LEU A 244 4.67 16.18 -30.63
N VAL A 245 4.45 17.27 -29.91
CA VAL A 245 4.09 17.23 -28.49
C VAL A 245 2.59 17.50 -28.40
N LEU A 246 1.82 16.43 -28.29
CA LEU A 246 0.37 16.55 -28.19
C LEU A 246 -0.01 16.91 -26.76
N GLU A 247 -0.79 17.98 -26.58
CA GLU A 247 -1.20 18.44 -25.26
C GLU A 247 -2.71 18.58 -25.19
N VAL A 248 -3.24 18.41 -23.98
CA VAL A 248 -4.67 18.43 -23.68
C VAL A 248 -4.96 19.58 -22.73
N PRO A 249 -5.72 20.59 -23.15
CA PRO A 249 -6.19 21.60 -22.19
C PRO A 249 -7.19 20.99 -21.25
N ILE A 250 -7.08 21.33 -19.97
CA ILE A 250 -7.87 20.68 -18.94
C ILE A 250 -9.08 21.55 -18.62
N ARG A 251 -10.27 21.00 -18.81
CA ARG A 251 -11.52 21.66 -18.46
C ARG A 251 -12.44 20.64 -17.80
N HIS A 252 -13.51 21.13 -17.17
CA HIS A 252 -14.38 20.30 -16.35
C HIS A 252 -15.78 20.26 -16.95
N PRO A 253 -16.37 19.07 -17.11
CA PRO A 253 -17.68 18.97 -17.78
C PRO A 253 -18.83 19.64 -17.04
N LYS A 254 -18.66 20.03 -15.77
CA LYS A 254 -19.70 20.75 -15.03
C LYS A 254 -19.33 22.19 -14.72
N PHE A 255 -18.07 22.45 -14.39
CA PHE A 255 -17.63 23.74 -13.88
C PHE A 255 -16.93 24.53 -14.98
N ASP A 256 -17.56 25.64 -15.40
CA ASP A 256 -17.01 26.45 -16.48
C ASP A 256 -15.75 27.18 -16.05
N TRP A 257 -15.64 27.55 -14.77
CA TRP A 257 -14.47 28.25 -14.30
C TRP A 257 -13.22 27.39 -14.34
N PHE A 258 -13.35 26.08 -14.55
CA PHE A 258 -12.19 25.19 -14.54
C PHE A 258 -11.24 25.52 -15.68
N LYS A 259 -11.79 25.77 -16.88
CA LYS A 259 -10.99 26.23 -18.01
C LYS A 259 -10.12 27.41 -17.64
N ASP A 260 -10.65 28.35 -16.85
CA ASP A 260 -9.93 29.58 -16.51
C ASP A 260 -8.66 29.29 -15.72
N LEU A 261 -8.60 28.16 -15.02
CA LEU A 261 -7.39 27.80 -14.27
C LEU A 261 -6.14 27.76 -15.14
N GLY A 262 -6.30 27.57 -16.45
CA GLY A 262 -5.14 27.57 -17.35
C GLY A 262 -4.23 26.37 -17.20
N LEU A 263 -4.81 25.18 -17.03
CA LEU A 263 -4.05 23.96 -16.88
C LEU A 263 -4.07 23.16 -18.18
N LYS A 264 -2.96 22.50 -18.47
CA LYS A 264 -2.87 21.51 -19.53
C LYS A 264 -1.89 20.43 -19.09
N TRP A 265 -1.86 19.33 -19.83
CA TRP A 265 -0.83 18.32 -19.67
C TRP A 265 -0.56 17.70 -21.03
N TYR A 266 0.56 17.01 -21.11
CA TYR A 266 0.98 16.35 -22.33
C TYR A 266 0.41 14.94 -22.38
N GLY A 267 0.21 14.45 -23.61
CA GLY A 267 -0.42 13.17 -23.78
C GLY A 267 0.48 11.97 -23.60
N LEU A 268 1.79 12.12 -23.85
CA LEU A 268 2.69 10.97 -23.93
C LEU A 268 3.52 10.82 -22.67
N PRO A 269 3.26 9.83 -21.81
CA PRO A 269 4.19 9.51 -20.71
C PRO A 269 5.32 8.63 -21.23
N ALA A 270 6.54 9.15 -21.21
CA ALA A 270 7.67 8.49 -21.90
C ALA A 270 8.89 8.49 -20.97
N VAL A 271 9.05 7.44 -20.18
CA VAL A 271 10.10 7.39 -19.17
C VAL A 271 11.42 7.07 -19.86
N SER A 272 12.45 7.88 -19.57
CA SER A 272 13.70 7.81 -20.31
C SER A 272 14.96 7.62 -19.47
N ASN A 273 14.83 7.43 -18.15
CA ASN A 273 16.00 7.38 -17.26
C ASN A 273 16.25 6.00 -16.67
N MET A 274 15.51 4.97 -17.06
CA MET A 274 15.73 3.64 -16.54
C MET A 274 16.78 2.88 -17.36
N LEU A 275 17.17 1.72 -16.83
CA LEU A 275 18.14 0.82 -17.44
C LEU A 275 17.47 -0.51 -17.74
N LEU A 276 17.62 -0.97 -18.99
CA LEU A 276 17.03 -2.22 -19.45
C LEU A 276 18.10 -3.30 -19.45
N GLU A 277 17.86 -4.38 -18.70
CA GLU A 277 18.81 -5.47 -18.57
C GLU A 277 18.25 -6.72 -19.24
N ILE A 278 18.95 -7.21 -20.26
CA ILE A 278 18.56 -8.43 -20.98
C ILE A 278 19.77 -9.33 -21.10
N GLY A 279 19.68 -10.55 -20.57
CA GLY A 279 20.75 -11.51 -20.71
C GLY A 279 22.09 -11.01 -20.24
N GLY A 280 22.09 -10.19 -19.18
CA GLY A 280 23.30 -9.60 -18.64
C GLY A 280 23.74 -8.31 -19.31
N LEU A 281 23.15 -7.96 -20.47
CA LEU A 281 23.57 -6.76 -21.19
C LEU A 281 22.75 -5.57 -20.70
N GLU A 282 23.39 -4.41 -20.60
CA GLU A 282 22.81 -3.26 -19.91
C GLU A 282 22.56 -2.13 -20.90
N PHE A 283 21.29 -1.84 -21.18
CA PHE A 283 20.91 -0.76 -22.09
C PHE A 283 20.58 0.47 -21.25
N SER A 284 21.55 1.36 -21.13
CA SER A 284 21.44 2.55 -20.28
C SER A 284 20.53 3.61 -20.86
N ALA A 285 20.16 3.51 -22.13
CA ALA A 285 19.32 4.50 -22.80
C ALA A 285 18.23 3.71 -23.50
N CYS A 286 17.04 3.72 -22.92
CA CYS A 286 15.96 2.90 -23.49
C CYS A 286 14.62 3.57 -23.23
N PRO A 287 14.41 4.79 -23.73
CA PRO A 287 13.14 5.49 -23.47
C PRO A 287 11.96 4.67 -23.94
N PHE A 288 10.94 4.56 -23.10
CA PHE A 288 9.75 3.80 -23.44
C PHE A 288 8.51 4.60 -23.05
N SER A 289 7.38 4.25 -23.67
CA SER A 289 6.20 5.08 -23.48
C SER A 289 4.96 4.22 -23.63
N GLY A 290 3.90 4.64 -22.93
CA GLY A 290 2.61 4.00 -23.02
C GLY A 290 1.54 5.06 -23.15
N TRP A 291 0.58 5.04 -22.23
CA TRP A 291 -0.41 6.10 -22.12
C TRP A 291 -0.74 6.24 -20.64
N TYR A 292 -1.30 7.39 -20.29
CA TYR A 292 -1.50 7.74 -18.88
C TYR A 292 -2.68 6.99 -18.26
N MET A 293 -2.54 6.70 -16.95
CA MET A 293 -3.67 6.53 -16.06
C MET A 293 -3.97 7.91 -15.47
N GLY A 294 -5.25 8.28 -15.43
CA GLY A 294 -5.60 9.66 -15.11
C GLY A 294 -5.02 10.15 -13.80
N THR A 295 -4.91 9.27 -12.79
CA THR A 295 -4.44 9.70 -11.48
C THR A 295 -2.98 10.14 -11.51
N GLU A 296 -2.17 9.68 -12.48
CA GLU A 296 -0.78 10.13 -12.52
C GLU A 296 -0.69 11.63 -12.68
N ILE A 297 -1.63 12.22 -13.42
CA ILE A 297 -1.69 13.66 -13.63
C ILE A 297 -2.54 14.32 -12.55
N GLY A 298 -3.78 13.85 -12.39
CA GLY A 298 -4.72 14.55 -11.53
C GLY A 298 -4.37 14.44 -10.06
N VAL A 299 -3.88 13.28 -9.63
CA VAL A 299 -3.59 13.07 -8.21
C VAL A 299 -2.17 13.49 -7.88
N ARG A 300 -1.21 12.88 -8.57
CA ARG A 300 0.20 13.07 -8.21
C ARG A 300 0.77 14.35 -8.83
N ASP A 301 0.62 14.53 -10.14
CA ASP A 301 1.24 15.69 -10.80
C ASP A 301 0.62 17.00 -10.33
N TYR A 302 -0.70 17.05 -10.20
CA TYR A 302 -1.40 18.28 -9.90
C TYR A 302 -1.54 18.57 -8.40
N CYS A 303 -1.64 17.53 -7.58
CA CYS A 303 -2.02 17.70 -6.18
C CYS A 303 -0.98 17.30 -5.15
N ASP A 304 0.13 16.67 -5.53
CA ASP A 304 1.23 16.49 -4.58
C ASP A 304 1.65 17.86 -4.03
N ASN A 305 1.97 17.88 -2.73
CA ASN A 305 2.40 19.12 -2.11
C ASN A 305 3.72 19.61 -2.71
N SER A 306 4.59 18.68 -3.09
CA SER A 306 5.87 18.99 -3.71
C SER A 306 5.79 19.07 -5.24
N ARG A 307 4.59 19.24 -5.80
CA ARG A 307 4.46 19.45 -7.25
C ARG A 307 3.60 20.68 -7.52
N TYR A 308 2.65 20.57 -8.46
CA TYR A 308 1.85 21.74 -8.84
C TYR A 308 0.89 22.19 -7.74
N ASN A 309 0.48 21.28 -6.86
CA ASN A 309 -0.14 21.61 -5.58
C ASN A 309 -1.32 22.58 -5.73
N ILE A 310 -2.25 22.23 -6.61
CA ILE A 310 -3.32 23.15 -6.99
C ILE A 310 -4.55 22.95 -6.12
N LEU A 311 -4.44 22.11 -5.08
CA LEU A 311 -5.63 21.72 -4.32
C LEU A 311 -6.32 22.92 -3.70
N GLU A 312 -5.56 23.85 -3.12
CA GLU A 312 -6.18 25.00 -2.45
C GLU A 312 -7.01 25.82 -3.44
N GLU A 313 -6.44 26.12 -4.60
CA GLU A 313 -7.12 26.94 -5.60
C GLU A 313 -8.45 26.32 -6.02
N VAL A 314 -8.43 25.03 -6.32
CA VAL A 314 -9.63 24.35 -6.83
C VAL A 314 -10.73 24.41 -5.78
N ALA A 315 -10.40 24.09 -4.53
CA ALA A 315 -11.39 24.11 -3.46
C ALA A 315 -11.94 25.51 -3.24
N LYS A 316 -11.06 26.52 -3.29
CA LYS A 316 -11.50 27.91 -3.17
C LYS A 316 -12.53 28.26 -4.24
N LYS A 317 -12.24 27.91 -5.49
CA LYS A 317 -13.20 28.19 -6.55
C LYS A 317 -14.46 27.35 -6.42
N MET A 318 -14.38 26.22 -5.72
CA MET A 318 -15.58 25.46 -5.36
C MET A 318 -16.30 26.03 -4.14
N ASP A 319 -15.71 27.02 -3.45
CA ASP A 319 -16.29 27.61 -2.23
C ASP A 319 -16.57 26.54 -1.18
N LEU A 320 -15.57 25.68 -0.97
CA LEU A 320 -15.65 24.65 0.06
C LEU A 320 -15.10 25.17 1.38
N ASP A 321 -15.58 24.57 2.47
CA ASP A 321 -15.12 24.93 3.81
C ASP A 321 -13.71 24.41 4.03
N MET A 322 -12.70 25.25 3.77
CA MET A 322 -11.31 24.87 3.92
C MET A 322 -10.77 25.12 5.32
N ARG A 323 -11.64 25.33 6.31
CA ARG A 323 -11.15 25.68 7.64
C ARG A 323 -10.72 24.46 8.44
N LYS A 324 -11.39 23.33 8.26
CA LYS A 324 -11.07 22.13 9.02
C LYS A 324 -10.90 20.94 8.08
N THR A 325 -9.92 20.09 8.38
CA THR A 325 -9.63 18.97 7.49
C THR A 325 -10.83 18.04 7.36
N SER A 326 -11.65 17.92 8.41
CA SER A 326 -12.75 16.96 8.46
C SER A 326 -13.92 17.32 7.56
N SER A 327 -13.88 18.45 6.84
CA SER A 327 -14.85 18.69 5.79
C SER A 327 -14.53 17.91 4.52
N LEU A 328 -13.35 17.31 4.44
CA LEU A 328 -12.89 16.55 3.28
C LEU A 328 -12.90 17.39 2.00
N TRP A 329 -12.54 18.67 2.14
CA TRP A 329 -12.48 19.55 0.97
C TRP A 329 -11.37 19.12 0.02
N LYS A 330 -10.23 18.66 0.56
CA LYS A 330 -9.18 18.15 -0.32
C LYS A 330 -9.67 16.93 -1.10
N ASP A 331 -10.33 16.00 -0.42
CA ASP A 331 -10.87 14.84 -1.12
C ASP A 331 -11.88 15.26 -2.19
N GLN A 332 -12.74 16.21 -1.87
CA GLN A 332 -13.75 16.65 -2.83
C GLN A 332 -13.10 17.27 -4.07
N ALA A 333 -12.15 18.18 -3.85
CA ALA A 333 -11.45 18.80 -4.96
C ALA A 333 -10.66 17.77 -5.76
N LEU A 334 -9.99 16.83 -5.08
CA LEU A 334 -9.17 15.85 -5.78
C LEU A 334 -10.00 15.06 -6.79
N VAL A 335 -11.23 14.71 -6.42
CA VAL A 335 -12.10 13.97 -7.33
C VAL A 335 -12.43 14.81 -8.56
N GLU A 336 -12.86 16.06 -8.34
CA GLU A 336 -13.24 16.92 -9.46
C GLU A 336 -12.08 17.12 -10.42
N ILE A 337 -10.89 17.34 -9.88
CA ILE A 337 -9.70 17.48 -10.72
C ILE A 337 -9.53 16.24 -11.61
N ASN A 338 -9.68 15.05 -11.02
CA ASN A 338 -9.47 13.84 -11.79
C ASN A 338 -10.62 13.54 -12.75
N ILE A 339 -11.83 14.03 -12.47
CA ILE A 339 -12.90 13.95 -13.46
C ILE A 339 -12.54 14.84 -14.66
N ALA A 340 -11.99 16.03 -14.39
CA ALA A 340 -11.64 16.95 -15.46
C ALA A 340 -10.57 16.37 -16.37
N VAL A 341 -9.53 15.77 -15.80
CA VAL A 341 -8.43 15.24 -16.61
C VAL A 341 -8.94 14.19 -17.59
N LEU A 342 -9.66 13.19 -17.07
CA LEU A 342 -10.26 12.17 -17.91
C LEU A 342 -11.19 12.79 -18.96
N TYR A 343 -12.06 13.71 -18.55
CA TYR A 343 -12.98 14.34 -19.50
C TYR A 343 -12.23 15.05 -20.61
N SER A 344 -11.13 15.73 -20.26
CA SER A 344 -10.37 16.48 -21.24
C SER A 344 -9.68 15.56 -22.26
N PHE A 345 -8.98 14.53 -21.76
CA PHE A 345 -8.32 13.60 -22.68
C PHE A 345 -9.34 12.88 -23.56
N GLN A 346 -10.45 12.43 -22.97
CA GLN A 346 -11.46 11.73 -23.74
C GLN A 346 -12.12 12.66 -24.76
N SER A 347 -12.36 13.91 -24.37
CA SER A 347 -12.94 14.88 -25.29
C SER A 347 -12.02 15.11 -26.49
N ASP A 348 -10.70 15.20 -26.25
CA ASP A 348 -9.75 15.46 -27.32
C ASP A 348 -9.25 14.19 -28.01
N LYS A 349 -9.88 13.05 -27.74
CA LYS A 349 -9.56 11.78 -28.41
C LYS A 349 -8.11 11.38 -28.18
N VAL A 350 -7.61 11.63 -26.98
CA VAL A 350 -6.28 11.22 -26.55
C VAL A 350 -6.44 10.06 -25.58
N THR A 351 -5.72 8.96 -25.84
CA THR A 351 -5.84 7.77 -25.00
C THR A 351 -5.56 8.09 -23.54
N ILE A 352 -6.40 7.55 -22.66
CA ILE A 352 -6.20 7.64 -21.22
C ILE A 352 -7.06 6.54 -20.60
N VAL A 353 -6.64 6.06 -19.43
CA VAL A 353 -7.40 5.03 -18.72
C VAL A 353 -7.64 5.53 -17.31
N ASP A 354 -8.85 5.32 -16.80
CA ASP A 354 -9.11 5.68 -15.42
C ASP A 354 -8.63 4.55 -14.50
N HIS A 355 -8.51 4.86 -13.20
CA HIS A 355 -7.93 3.89 -12.28
C HIS A 355 -8.86 2.71 -12.05
N HIS A 356 -10.16 2.88 -12.24
CA HIS A 356 -11.05 1.73 -12.09
C HIS A 356 -10.85 0.76 -13.25
N SER A 357 -10.76 1.28 -14.48
CA SER A 357 -10.58 0.40 -15.63
C SER A 357 -9.22 -0.30 -15.55
N ALA A 358 -8.16 0.44 -15.23
CA ALA A 358 -6.81 -0.13 -15.26
C ALA A 358 -6.61 -1.19 -14.20
N THR A 359 -7.17 -0.99 -13.00
CA THR A 359 -6.98 -2.01 -11.98
C THR A 359 -7.85 -3.22 -12.26
N GLU A 360 -9.04 -3.02 -12.81
CA GLU A 360 -9.83 -4.17 -13.26
C GLU A 360 -9.05 -4.96 -14.32
N SER A 361 -8.43 -4.26 -15.29
CA SER A 361 -7.62 -4.92 -16.30
C SER A 361 -6.46 -5.69 -15.66
N PHE A 362 -5.83 -5.09 -14.66
CA PHE A 362 -4.70 -5.76 -14.04
C PHE A 362 -5.12 -7.02 -13.31
N ILE A 363 -6.30 -7.03 -12.67
CA ILE A 363 -6.79 -8.26 -12.03
C ILE A 363 -6.95 -9.36 -13.08
N LYS A 364 -7.54 -9.02 -14.22
CA LYS A 364 -7.66 -9.98 -15.32
C LYS A 364 -6.29 -10.42 -15.83
N HIS A 365 -5.35 -9.47 -15.91
CA HIS A 365 -3.98 -9.83 -16.33
C HIS A 365 -3.33 -10.78 -15.32
N MET A 366 -3.50 -10.50 -14.02
CA MET A 366 -2.98 -11.42 -13.01
C MET A 366 -3.51 -12.83 -13.23
N GLU A 367 -4.83 -12.95 -13.39
CA GLU A 367 -5.44 -14.26 -13.61
C GLU A 367 -4.83 -14.94 -14.84
N ASN A 368 -4.62 -14.18 -15.92
CA ASN A 368 -4.00 -14.74 -17.13
C ASN A 368 -2.60 -15.26 -16.83
N GLU A 369 -1.79 -14.44 -16.16
CA GLU A 369 -0.41 -14.81 -15.88
C GLU A 369 -0.33 -16.01 -14.96
N TYR A 370 -1.14 -16.05 -13.90
CA TYR A 370 -1.17 -17.24 -13.06
C TYR A 370 -1.59 -18.47 -13.86
N ARG A 371 -2.49 -18.30 -14.82
CA ARG A 371 -2.97 -19.43 -15.60
C ARG A 371 -1.92 -19.89 -16.61
N CYS A 372 -1.44 -18.98 -17.46
CA CYS A 372 -0.55 -19.36 -18.55
CA CYS A 372 -0.55 -19.38 -18.55
C CYS A 372 0.94 -19.31 -18.18
N ARG A 373 1.30 -18.68 -17.07
CA ARG A 373 2.71 -18.56 -16.68
C ARG A 373 3.00 -19.03 -15.27
N GLY A 374 2.00 -19.17 -14.40
CA GLY A 374 2.24 -19.62 -13.05
C GLY A 374 2.46 -18.52 -12.03
N GLY A 375 2.31 -17.27 -12.43
CA GLY A 375 2.53 -16.18 -11.49
C GLY A 375 2.62 -14.84 -12.19
N CYS A 376 2.68 -13.81 -11.36
CA CYS A 376 2.79 -12.40 -11.77
C CYS A 376 3.36 -11.59 -10.61
N PRO A 377 4.63 -11.20 -10.67
CA PRO A 377 5.16 -10.37 -9.58
C PRO A 377 4.48 -9.01 -9.58
N ALA A 378 4.11 -8.56 -8.37
CA ALA A 378 3.33 -7.35 -8.29
C ALA A 378 3.60 -6.66 -6.96
N ASP A 379 3.79 -5.34 -7.03
CA ASP A 379 4.14 -4.52 -5.87
C ASP A 379 2.89 -3.75 -5.44
N TRP A 380 2.22 -4.25 -4.39
CA TRP A 380 0.95 -3.66 -3.97
C TRP A 380 1.07 -2.16 -3.73
N VAL A 381 2.16 -1.73 -3.10
CA VAL A 381 2.37 -0.33 -2.75
C VAL A 381 2.27 0.58 -3.98
N TRP A 382 2.69 0.08 -5.14
CA TRP A 382 2.65 0.85 -6.38
C TRP A 382 1.42 0.54 -7.24
N ILE A 383 0.86 -0.66 -7.15
CA ILE A 383 -0.26 -1.04 -8.00
C ILE A 383 -1.56 -0.38 -7.52
N VAL A 384 -1.74 -0.26 -6.21
CA VAL A 384 -2.94 0.38 -5.69
C VAL A 384 -2.91 1.87 -6.03
N PRO A 385 -3.94 2.41 -6.66
CA PRO A 385 -3.90 3.82 -7.09
C PRO A 385 -3.84 4.79 -5.92
N PRO A 386 -3.37 6.01 -6.17
CA PRO A 386 -3.19 6.99 -5.10
C PRO A 386 -4.46 7.71 -4.67
N MET A 387 -5.62 7.35 -5.22
CA MET A 387 -6.89 7.78 -4.66
C MET A 387 -7.84 6.59 -4.68
N SER A 388 -8.85 6.65 -3.81
CA SER A 388 -9.95 5.69 -3.80
C SER A 388 -9.45 4.24 -3.77
N GLY A 389 -8.40 4.01 -2.98
CA GLY A 389 -7.70 2.73 -3.04
C GLY A 389 -8.62 1.52 -2.89
N SER A 390 -9.45 1.51 -1.86
CA SER A 390 -10.18 0.30 -1.51
C SER A 390 -11.43 0.08 -2.33
N ILE A 391 -11.81 1.02 -3.20
CA ILE A 391 -12.92 0.73 -4.08
C ILE A 391 -12.43 0.24 -5.44
N THR A 392 -11.11 0.05 -5.59
CA THR A 392 -10.54 -0.62 -6.75
C THR A 392 -10.18 -2.05 -6.39
N PRO A 393 -10.37 -2.98 -7.32
CA PRO A 393 -10.20 -4.40 -6.98
C PRO A 393 -8.80 -4.79 -6.55
N VAL A 394 -7.77 -4.01 -6.90
CA VAL A 394 -6.42 -4.44 -6.53
C VAL A 394 -6.18 -4.28 -5.03
N PHE A 395 -6.88 -3.35 -4.38
CA PHE A 395 -6.71 -3.16 -2.95
C PHE A 395 -6.91 -4.46 -2.18
N HIS A 396 -7.88 -5.26 -2.60
CA HIS A 396 -8.21 -6.46 -1.84
C HIS A 396 -7.49 -7.69 -2.35
N GLN A 397 -6.54 -7.50 -3.24
CA GLN A 397 -5.81 -8.59 -3.88
C GLN A 397 -4.45 -8.74 -3.19
N GLU A 398 -4.20 -9.91 -2.63
CA GLU A 398 -2.85 -10.20 -2.17
C GLU A 398 -1.92 -10.33 -3.38
N MET A 399 -0.69 -9.85 -3.22
CA MET A 399 0.31 -9.85 -4.29
C MET A 399 1.67 -10.30 -3.75
N LEU A 400 2.40 -11.05 -4.58
CA LEU A 400 3.75 -11.47 -4.26
C LEU A 400 4.71 -10.66 -5.10
N ASN A 401 5.71 -10.08 -4.46
CA ASN A 401 6.66 -9.24 -5.16
C ASN A 401 8.02 -9.93 -5.19
N TYR A 402 8.56 -10.09 -6.41
CA TYR A 402 9.85 -10.72 -6.61
C TYR A 402 10.39 -10.22 -7.94
N ARG A 403 11.69 -10.38 -8.13
CA ARG A 403 12.40 -9.71 -9.21
C ARG A 403 12.82 -10.74 -10.25
N LEU A 404 12.23 -10.64 -11.44
CA LEU A 404 12.55 -11.50 -12.56
C LEU A 404 13.36 -10.72 -13.58
N THR A 405 14.08 -11.45 -14.42
CA THR A 405 14.81 -10.81 -15.50
C THR A 405 14.37 -11.43 -16.82
N PRO A 406 14.39 -10.65 -17.93
CA PRO A 406 14.80 -9.24 -18.14
C PRO A 406 13.98 -8.23 -17.32
N SER A 407 14.57 -7.05 -17.08
CA SER A 407 13.96 -6.10 -16.16
C SER A 407 14.36 -4.67 -16.51
N PHE A 408 13.52 -3.72 -16.07
CA PHE A 408 13.88 -2.32 -16.01
C PHE A 408 14.37 -2.02 -14.60
N GLU A 409 15.50 -1.32 -14.51
CA GLU A 409 16.13 -0.99 -13.23
C GLU A 409 16.34 0.51 -13.16
N TYR A 410 16.45 1.01 -11.93
CA TYR A 410 16.87 2.38 -11.72
C TYR A 410 18.38 2.51 -11.89
N GLN A 411 18.82 3.72 -12.22
CA GLN A 411 20.23 4.02 -12.39
C GLN A 411 20.45 5.45 -11.91
N PRO A 412 21.70 5.82 -11.58
CA PRO A 412 21.94 7.16 -11.05
C PRO A 412 21.68 8.24 -12.10
N ASP A 413 21.44 9.45 -11.62
CA ASP A 413 21.32 10.57 -12.53
C ASP A 413 22.67 10.84 -13.17
N PRO A 414 22.71 11.07 -14.49
CA PRO A 414 24.02 11.15 -15.18
C PRO A 414 24.91 12.27 -14.67
N TRP A 415 24.34 13.42 -14.30
CA TRP A 415 25.18 14.56 -13.92
C TRP A 415 25.93 14.31 -12.62
N ASN A 416 25.50 13.34 -11.81
CA ASN A 416 26.28 12.93 -10.65
C ASN A 416 27.46 12.04 -11.02
N THR A 417 27.47 11.47 -12.23
CA THR A 417 28.48 10.51 -12.67
C THR A 417 29.40 11.06 -13.74
N HIS A 418 28.87 11.87 -14.67
CA HIS A 418 29.56 12.14 -15.92
C HIS A 418 30.85 12.92 -15.71
N VAL A 419 31.95 12.36 -16.20
CA VAL A 419 33.23 13.05 -16.27
C VAL A 419 33.10 14.19 -17.27
N TRP A 420 32.75 15.38 -16.79
CA TRP A 420 32.31 16.47 -17.65
C TRP A 420 33.38 17.04 -18.58
N ARG B 3 24.31 -2.30 12.99
CA ARG B 3 23.89 -2.01 11.63
C ARG B 3 22.64 -1.11 11.61
N PHE B 4 22.73 -0.01 10.87
CA PHE B 4 21.72 1.05 10.88
C PHE B 4 20.97 1.06 9.55
N LEU B 5 19.72 1.53 9.57
CA LEU B 5 18.88 1.59 8.38
C LEU B 5 18.18 2.95 8.30
N LYS B 6 18.03 3.46 7.07
CA LYS B 6 17.45 4.77 6.87
C LYS B 6 16.10 4.67 6.16
N VAL B 7 15.18 5.55 6.55
CA VAL B 7 13.92 5.75 5.84
C VAL B 7 13.86 7.22 5.44
N LYS B 8 13.29 7.49 4.27
CA LYS B 8 13.22 8.83 3.73
C LYS B 8 11.76 9.19 3.48
N ASN B 9 11.36 10.39 3.86
CA ASN B 9 10.08 10.94 3.45
C ASN B 9 10.30 11.71 2.15
N TRP B 10 9.67 11.27 1.06
CA TRP B 10 9.97 11.85 -0.24
C TRP B 10 9.25 13.17 -0.49
N GLU B 11 8.31 13.55 0.38
CA GLU B 11 7.67 14.85 0.31
C GLU B 11 8.47 15.93 1.03
N THR B 12 9.16 15.58 2.11
CA THR B 12 9.90 16.50 2.96
C THR B 12 11.41 16.26 2.99
N ASP B 13 11.88 15.17 2.39
CA ASP B 13 13.27 14.74 2.42
C ASP B 13 13.81 14.50 3.83
N VAL B 14 12.95 14.45 4.84
CA VAL B 14 13.39 14.04 6.17
C VAL B 14 13.86 12.59 6.11
N VAL B 15 15.06 12.34 6.62
CA VAL B 15 15.60 10.99 6.72
C VAL B 15 15.73 10.62 8.19
N LEU B 16 15.33 9.39 8.51
CA LEU B 16 15.38 8.87 9.88
C LEU B 16 16.20 7.58 9.90
N THR B 17 16.73 7.24 11.08
CA THR B 17 17.65 6.12 11.23
C THR B 17 17.08 5.12 12.22
N ASP B 18 16.88 3.88 11.75
CA ASP B 18 16.29 2.83 12.58
C ASP B 18 17.38 1.90 13.08
N THR B 19 17.52 1.81 14.41
CA THR B 19 18.27 0.76 15.06
C THR B 19 17.39 -0.19 15.85
N LEU B 20 16.11 0.16 16.06
CA LEU B 20 15.24 -0.68 16.87
C LEU B 20 14.99 -2.04 16.22
N HIS B 21 15.08 -2.12 14.88
CA HIS B 21 14.84 -3.39 14.20
C HIS B 21 15.80 -4.48 14.65
N LEU B 22 16.93 -4.10 15.25
CA LEU B 22 17.86 -5.09 15.79
C LEU B 22 17.26 -5.85 16.96
N LYS B 23 16.36 -5.21 17.72
CA LYS B 23 15.68 -5.88 18.82
C LYS B 23 14.60 -6.84 18.33
N SER B 24 14.41 -6.97 17.02
CA SER B 24 13.32 -7.78 16.50
C SER B 24 13.69 -9.26 16.53
N THR B 25 12.77 -10.08 17.01
CA THR B 25 12.95 -11.52 17.09
C THR B 25 12.13 -12.26 16.06
N LEU B 26 10.80 -12.10 16.08
CA LEU B 26 9.89 -12.85 15.23
C LEU B 26 10.19 -12.60 13.74
N GLU B 27 9.61 -13.45 12.90
CA GLU B 27 9.83 -13.42 11.46
C GLU B 27 8.72 -12.63 10.76
N THR B 28 9.07 -12.05 9.60
CA THR B 28 8.14 -11.21 8.85
C THR B 28 7.31 -12.00 7.84
N GLY B 29 7.84 -13.08 7.31
CA GLY B 29 7.27 -13.74 6.16
C GLY B 29 8.04 -13.50 4.87
N CYS B 30 8.81 -12.43 4.80
CA CYS B 30 9.60 -12.11 3.61
C CYS B 30 10.91 -12.88 3.61
N THR B 31 11.55 -12.91 2.44
CA THR B 31 12.91 -13.42 2.29
C THR B 31 13.66 -12.48 1.36
N GLU B 32 14.94 -12.79 1.14
CA GLU B 32 15.73 -12.00 0.20
C GLU B 32 15.20 -12.12 -1.22
N HIS B 33 14.35 -13.11 -1.49
CA HIS B 33 13.89 -13.36 -2.85
C HIS B 33 12.38 -13.22 -3.03
N ILE B 34 11.62 -12.91 -1.98
CA ILE B 34 10.21 -12.63 -2.15
C ILE B 34 9.76 -11.71 -1.02
N CYS B 35 8.85 -10.79 -1.35
CA CYS B 35 8.25 -9.88 -0.38
C CYS B 35 6.78 -10.27 -0.19
N MET B 36 6.41 -10.56 1.06
CA MET B 36 5.05 -10.92 1.41
C MET B 36 4.30 -9.76 2.05
N GLY B 37 4.81 -8.54 1.86
CA GLY B 37 4.23 -7.35 2.47
C GLY B 37 2.76 -7.11 2.21
N SER B 38 2.16 -7.72 1.18
CA SER B 38 0.73 -7.53 0.99
C SER B 38 -0.09 -8.77 1.35
N ILE B 39 0.51 -9.77 1.97
CA ILE B 39 -0.25 -10.92 2.45
C ILE B 39 -0.95 -10.54 3.76
N MET B 40 -2.25 -10.81 3.85
CA MET B 40 -3.03 -10.39 5.01
C MET B 40 -2.58 -11.13 6.28
N LEU B 41 -2.47 -12.45 6.22
CA LEU B 41 -1.96 -13.24 7.35
C LEU B 41 -0.78 -14.09 6.92
N PRO B 42 0.47 -13.65 7.18
CA PRO B 42 1.62 -14.48 6.86
C PRO B 42 1.98 -15.47 7.98
N VAL B 52 -0.21 -23.67 24.92
CA VAL B 52 0.43 -24.95 24.66
C VAL B 52 1.88 -24.69 24.17
N ARG B 53 2.50 -23.69 24.79
CA ARG B 53 3.93 -23.43 24.75
C ARG B 53 4.58 -24.22 25.87
N THR B 54 5.84 -24.58 25.69
CA THR B 54 6.51 -25.49 26.62
C THR B 54 7.52 -24.74 27.48
N LYS B 55 7.47 -25.02 28.79
CA LYS B 55 8.51 -24.79 29.78
C LYS B 55 9.88 -24.50 29.17
N ASP B 56 10.28 -25.33 28.21
CA ASP B 56 11.48 -25.20 27.40
C ASP B 56 11.68 -23.77 26.90
N GLN B 57 10.84 -23.34 25.97
CA GLN B 57 10.98 -22.07 25.27
C GLN B 57 10.44 -20.87 26.07
N LEU B 58 9.93 -21.07 27.29
CA LEU B 58 9.19 -20.01 27.95
C LEU B 58 10.07 -19.10 28.81
N PHE B 59 11.05 -19.62 29.54
CA PHE B 59 11.84 -18.72 30.37
C PHE B 59 12.67 -17.71 29.59
N PRO B 60 13.27 -18.03 28.44
CA PRO B 60 13.93 -16.97 27.65
C PRO B 60 12.97 -15.87 27.20
N LEU B 61 11.74 -16.23 26.83
CA LEU B 61 10.75 -15.23 26.48
C LEU B 61 10.42 -14.36 27.68
N ALA B 62 10.31 -14.98 28.86
CA ALA B 62 10.06 -14.21 30.08
C ALA B 62 11.23 -13.30 30.38
N LYS B 63 12.45 -13.85 30.34
CA LYS B 63 13.64 -13.06 30.66
C LYS B 63 13.73 -11.85 29.75
N GLU B 64 13.52 -12.05 28.46
CA GLU B 64 13.58 -10.94 27.50
C GLU B 64 12.57 -9.87 27.86
N PHE B 65 11.35 -10.28 28.20
CA PHE B 65 10.34 -9.31 28.58
C PHE B 65 10.74 -8.57 29.85
N LEU B 66 11.19 -9.33 30.88
CA LEU B 66 11.54 -8.67 32.14
C LEU B 66 12.76 -7.77 31.98
N ASP B 67 13.70 -8.13 31.11
CA ASP B 67 14.80 -7.20 30.81
C ASP B 67 14.25 -5.90 30.22
N GLN B 68 13.36 -6.00 29.24
CA GLN B 68 12.73 -4.81 28.68
C GLN B 68 11.97 -4.03 29.75
N TYR B 69 11.18 -4.74 30.55
CA TYR B 69 10.38 -4.07 31.58
C TYR B 69 11.26 -3.30 32.55
N TYR B 70 12.29 -3.95 33.09
CA TYR B 70 13.13 -3.28 34.07
C TYR B 70 14.00 -2.20 33.45
N SER B 71 14.31 -2.31 32.15
CA SER B 71 14.99 -1.19 31.49
C SER B 71 14.09 0.04 31.47
N SER B 72 12.80 -0.15 31.19
CA SER B 72 11.91 1.00 31.03
C SER B 72 11.72 1.76 32.34
N ILE B 73 11.84 1.08 33.48
CA ILE B 73 11.69 1.73 34.78
C ILE B 73 13.05 2.07 35.35
N LYS B 74 14.10 1.95 34.53
CA LYS B 74 15.47 2.33 34.90
C LYS B 74 15.97 1.53 36.11
N ARG B 75 15.66 0.23 36.12
CA ARG B 75 16.08 -0.65 37.20
C ARG B 75 16.77 -1.89 36.68
N PHE B 76 17.38 -1.80 35.50
CA PHE B 76 18.01 -2.96 34.89
C PHE B 76 19.19 -3.42 35.74
N GLY B 77 19.26 -4.73 36.00
CA GLY B 77 20.30 -5.28 36.83
C GLY B 77 20.13 -5.02 38.31
N SER B 78 19.04 -4.39 38.73
CA SER B 78 18.83 -4.11 40.14
C SER B 78 18.50 -5.41 40.89
N LYS B 79 18.51 -5.31 42.22
CA LYS B 79 18.10 -6.46 43.01
C LYS B 79 16.66 -6.83 42.74
N ALA B 80 15.79 -5.82 42.56
CA ALA B 80 14.41 -6.10 42.19
C ALA B 80 14.34 -6.84 40.86
N HIS B 81 15.16 -6.43 39.89
CA HIS B 81 15.20 -7.12 38.61
C HIS B 81 15.64 -8.57 38.77
N MET B 82 16.77 -8.78 39.46
CA MET B 82 17.31 -10.13 39.56
C MET B 82 16.40 -11.04 40.38
N ASP B 83 15.84 -10.53 41.48
CA ASP B 83 14.92 -11.34 42.28
C ASP B 83 13.71 -11.78 41.44
N ARG B 84 13.11 -10.84 40.71
CA ARG B 84 11.97 -11.16 39.85
C ARG B 84 12.31 -12.23 38.82
N LEU B 85 13.51 -12.14 38.22
CA LEU B 85 13.96 -13.19 37.30
C LEU B 85 14.02 -14.54 37.99
N GLU B 86 14.64 -14.59 39.17
CA GLU B 86 14.68 -15.82 39.93
C GLU B 86 13.27 -16.32 40.23
N GLU B 87 12.43 -15.45 40.78
CA GLU B 87 11.06 -15.81 41.12
C GLU B 87 10.32 -16.41 39.92
N VAL B 88 10.44 -15.78 38.75
CA VAL B 88 9.78 -16.31 37.56
C VAL B 88 10.37 -17.66 37.15
N ASN B 89 11.69 -17.79 37.24
CA ASN B 89 12.33 -19.05 36.85
C ASN B 89 11.81 -20.20 37.69
N LYS B 90 11.81 -20.05 39.01
CA LYS B 90 11.32 -21.10 39.89
C LYS B 90 9.84 -21.37 39.66
N GLU B 91 9.07 -20.33 39.37
CA GLU B 91 7.64 -20.51 39.12
C GLU B 91 7.42 -21.28 37.83
N ILE B 92 8.25 -21.04 36.82
CA ILE B 92 8.13 -21.79 35.57
C ILE B 92 8.48 -23.26 35.78
N GLU B 93 9.66 -23.54 36.34
CA GLU B 93 10.08 -24.92 36.48
C GLU B 93 9.15 -25.72 37.38
N SER B 94 8.47 -25.05 38.31
CA SER B 94 7.60 -25.74 39.27
C SER B 94 6.15 -25.79 38.82
N THR B 95 5.63 -24.71 38.24
CA THR B 95 4.24 -24.66 37.81
C THR B 95 4.07 -24.68 36.30
N SER B 96 5.17 -24.63 35.54
CA SER B 96 5.21 -24.71 34.08
C SER B 96 4.81 -23.39 33.41
N THR B 97 4.22 -22.46 34.16
CA THR B 97 3.90 -21.14 33.63
C THR B 97 4.33 -20.09 34.66
N TYR B 98 3.86 -18.85 34.50
CA TYR B 98 4.06 -17.85 35.54
C TYR B 98 3.02 -16.75 35.40
N GLN B 99 2.86 -15.98 36.48
CA GLN B 99 1.92 -14.88 36.53
C GLN B 99 2.64 -13.55 36.48
N LEU B 100 2.16 -12.65 35.61
CA LEU B 100 2.66 -11.28 35.58
C LEU B 100 2.16 -10.48 36.77
N LYS B 101 3.01 -9.58 37.28
CA LYS B 101 2.53 -8.57 38.20
C LYS B 101 1.64 -7.59 37.46
N ASP B 102 0.84 -6.83 38.22
CA ASP B 102 -0.05 -5.84 37.61
C ASP B 102 0.74 -4.82 36.79
N THR B 103 1.87 -4.35 37.34
CA THR B 103 2.72 -3.40 36.61
C THR B 103 3.19 -3.98 35.28
N GLU B 104 3.64 -5.24 35.30
CA GLU B 104 4.13 -5.89 34.07
C GLU B 104 3.01 -6.05 33.05
N LEU B 105 1.81 -6.38 33.51
CA LEU B 105 0.67 -6.54 32.60
C LEU B 105 0.30 -5.23 31.93
N ILE B 106 0.25 -4.14 32.70
CA ILE B 106 -0.09 -2.83 32.13
C ILE B 106 0.97 -2.43 31.11
N TYR B 107 2.24 -2.58 31.48
CA TYR B 107 3.34 -2.30 30.55
C TYR B 107 3.22 -3.15 29.29
N GLY B 108 2.97 -4.45 29.46
CA GLY B 108 2.91 -5.32 28.30
C GLY B 108 1.78 -4.96 27.34
N ALA B 109 0.60 -4.64 27.88
CA ALA B 109 -0.54 -4.30 27.04
C ALA B 109 -0.28 -3.00 26.28
N LYS B 110 0.30 -2.01 26.95
CA LYS B 110 0.61 -0.76 26.27
C LYS B 110 1.64 -0.98 25.17
N HIS B 111 2.64 -1.83 25.41
CA HIS B 111 3.68 -2.00 24.42
C HIS B 111 3.24 -2.89 23.26
N ALA B 112 2.30 -3.81 23.50
CA ALA B 112 1.69 -4.52 22.38
C ALA B 112 1.01 -3.56 21.43
N TRP B 113 0.34 -2.53 21.97
CA TRP B 113 -0.23 -1.50 21.10
C TRP B 113 0.87 -0.67 20.46
N ARG B 114 1.89 -0.28 21.24
CA ARG B 114 2.97 0.53 20.70
C ARG B 114 3.66 -0.18 19.54
N ASN B 115 3.68 -1.51 19.56
CA ASN B 115 4.41 -2.32 18.58
C ASN B 115 3.55 -2.73 17.40
N ALA B 116 2.26 -2.35 17.40
CA ALA B 116 1.33 -2.79 16.37
C ALA B 116 1.63 -2.05 15.06
N SER B 117 2.43 -2.65 14.17
CA SER B 117 2.94 -1.89 13.03
C SER B 117 1.82 -1.47 12.06
N ARG B 118 0.64 -2.09 12.13
CA ARG B 118 -0.46 -1.74 11.23
C ARG B 118 -1.39 -0.67 11.80
N CYS B 119 -1.11 -0.14 12.98
CA CYS B 119 -2.05 0.76 13.65
C CYS B 119 -1.60 2.19 13.49
N VAL B 120 -2.46 3.01 12.87
CA VAL B 120 -2.13 4.41 12.62
C VAL B 120 -2.42 5.29 13.84
N GLY B 121 -3.15 4.78 14.83
CA GLY B 121 -3.55 5.57 15.96
C GLY B 121 -2.60 5.49 17.14
N ARG B 122 -1.35 5.07 16.90
CA ARG B 122 -0.48 4.72 18.01
C ARG B 122 0.09 5.92 18.75
N ILE B 123 -0.19 7.15 18.34
CA ILE B 123 0.28 8.28 19.14
C ILE B 123 -0.27 8.20 20.55
N GLN B 124 -1.38 7.48 20.72
CA GLN B 124 -2.12 7.40 21.97
C GLN B 124 -1.69 6.23 22.86
N TRP B 125 -0.63 5.50 22.47
CA TRP B 125 -0.41 4.16 23.03
C TRP B 125 -0.21 4.18 24.54
N SER B 126 0.37 5.24 25.09
CA SER B 126 0.68 5.28 26.50
C SER B 126 -0.54 5.64 27.36
N LYS B 127 -1.63 6.07 26.75
CA LYS B 127 -2.89 6.39 27.44
C LYS B 127 -3.87 5.28 27.13
N LEU B 128 -3.71 4.16 27.81
CA LEU B 128 -4.57 2.99 27.67
C LEU B 128 -5.02 2.60 29.06
N GLN B 129 -6.33 2.49 29.25
CA GLN B 129 -6.87 2.01 30.52
C GLN B 129 -6.87 0.49 30.48
N VAL B 130 -6.15 -0.14 31.41
CA VAL B 130 -5.99 -1.59 31.42
C VAL B 130 -6.85 -2.15 32.55
N PHE B 131 -7.78 -3.03 32.19
CA PHE B 131 -8.66 -3.69 33.13
C PHE B 131 -8.20 -5.13 33.30
N ASP B 132 -7.75 -5.46 34.50
CA ASP B 132 -7.26 -6.80 34.84
C ASP B 132 -8.46 -7.68 35.14
N ALA B 133 -8.77 -8.62 34.23
CA ALA B 133 -9.87 -9.57 34.41
C ALA B 133 -9.34 -10.99 34.59
N ARG B 134 -8.12 -11.12 35.09
CA ARG B 134 -7.51 -12.43 35.25
C ARG B 134 -8.13 -13.24 36.38
N ASP B 135 -8.99 -12.64 37.21
CA ASP B 135 -9.70 -13.41 38.25
C ASP B 135 -11.03 -13.98 37.75
N CYS B 136 -11.38 -13.72 36.49
CA CYS B 136 -12.63 -14.20 35.90
C CYS B 136 -12.63 -15.71 35.78
N THR B 137 -13.83 -16.32 35.94
CA THR B 137 -13.93 -17.77 35.84
C THR B 137 -15.09 -18.27 34.98
N THR B 138 -16.11 -17.46 34.72
CA THR B 138 -17.28 -17.90 33.99
C THR B 138 -17.61 -16.88 32.90
N ALA B 139 -18.48 -17.32 31.98
CA ALA B 139 -18.94 -16.45 30.90
C ALA B 139 -19.75 -15.28 31.46
N HIS B 140 -20.57 -15.53 32.49
CA HIS B 140 -21.28 -14.42 33.13
C HIS B 140 -20.32 -13.39 33.68
N GLY B 141 -19.22 -13.83 34.31
CA GLY B 141 -18.22 -12.90 34.75
C GLY B 141 -17.59 -12.14 33.59
N MET B 142 -17.37 -12.82 32.47
CA MET B 142 -16.86 -12.12 31.29
C MET B 142 -17.85 -11.06 30.83
N PHE B 143 -19.14 -11.41 30.81
CA PHE B 143 -20.17 -10.45 30.41
C PHE B 143 -20.09 -9.19 31.28
N ASN B 144 -20.02 -9.37 32.61
CA ASN B 144 -19.92 -8.23 33.51
C ASN B 144 -18.67 -7.40 33.22
N TYR B 145 -17.52 -8.05 33.02
CA TYR B 145 -16.30 -7.30 32.72
C TYR B 145 -16.44 -6.53 31.41
N ILE B 146 -17.08 -7.12 30.40
CA ILE B 146 -17.20 -6.45 29.11
C ILE B 146 -18.20 -5.31 29.18
N CYS B 147 -19.31 -5.48 29.92
CA CYS B 147 -20.23 -4.37 30.07
C CYS B 147 -19.54 -3.16 30.66
N ASN B 148 -18.73 -3.39 31.71
CA ASN B 148 -18.03 -2.30 32.38
C ASN B 148 -17.00 -1.65 31.46
N HIS B 149 -16.35 -2.45 30.64
CA HIS B 149 -15.43 -1.91 29.63
C HIS B 149 -16.15 -0.99 28.66
N VAL B 150 -17.29 -1.45 28.12
CA VAL B 150 -18.05 -0.67 27.15
C VAL B 150 -18.51 0.64 27.76
N LYS B 151 -18.97 0.59 29.01
CA LYS B 151 -19.43 1.82 29.64
C LYS B 151 -18.26 2.77 29.87
N TYR B 152 -17.15 2.26 30.41
CA TYR B 152 -15.98 3.09 30.62
C TYR B 152 -15.47 3.67 29.30
N ALA B 153 -15.33 2.83 28.29
CA ALA B 153 -14.74 3.30 27.03
C ALA B 153 -15.65 4.30 26.34
N THR B 154 -16.97 4.06 26.39
CA THR B 154 -17.91 4.92 25.69
C THR B 154 -17.98 6.31 26.33
N ASN B 155 -18.20 6.36 27.65
CA ASN B 155 -18.06 7.63 28.40
C ASN B 155 -18.94 8.72 27.79
N LYS B 156 -20.15 8.34 27.36
CA LYS B 156 -21.16 9.24 26.78
C LYS B 156 -20.65 9.98 25.54
N GLY B 157 -19.80 9.34 24.76
CA GLY B 157 -19.32 9.91 23.51
C GLY B 157 -17.89 10.40 23.54
N ASN B 158 -17.35 10.63 24.74
CA ASN B 158 -15.97 11.08 24.91
C ASN B 158 -15.10 9.85 25.11
N LEU B 159 -14.82 9.18 23.99
CA LEU B 159 -14.22 7.85 24.00
C LEU B 159 -12.87 7.86 24.69
N ARG B 160 -12.59 6.74 25.38
CA ARG B 160 -11.35 6.48 26.11
C ARG B 160 -10.85 5.11 25.73
N SER B 161 -9.56 5.00 25.40
CA SER B 161 -8.99 3.71 25.02
C SER B 161 -8.95 2.77 26.23
N ALA B 162 -9.24 1.50 26.00
CA ALA B 162 -9.21 0.54 27.11
C ALA B 162 -9.01 -0.87 26.57
N ILE B 163 -8.49 -1.74 27.44
CA ILE B 163 -8.35 -3.16 27.14
C ILE B 163 -8.73 -3.93 28.40
N THR B 164 -9.41 -5.06 28.22
CA THR B 164 -9.76 -5.94 29.34
C THR B 164 -9.12 -7.30 29.11
N ILE B 165 -8.40 -7.79 30.11
CA ILE B 165 -7.50 -8.93 29.91
C ILE B 165 -7.97 -10.10 30.77
N PHE B 166 -8.47 -11.15 30.11
CA PHE B 166 -8.97 -12.34 30.77
C PHE B 166 -7.82 -13.32 30.98
N PRO B 167 -8.04 -14.44 31.68
CA PRO B 167 -6.91 -15.29 32.05
C PRO B 167 -6.17 -15.86 30.85
N GLN B 168 -4.86 -16.01 31.02
CA GLN B 168 -3.97 -16.50 29.97
C GLN B 168 -4.21 -17.98 29.69
N ARG B 169 -3.74 -18.41 28.52
CA ARG B 169 -3.84 -19.80 28.12
C ARG B 169 -3.01 -20.67 29.06
N THR B 170 -3.52 -21.87 29.34
CA THR B 170 -2.75 -22.79 30.16
C THR B 170 -2.28 -23.96 29.31
N ASP B 171 -3.17 -24.93 29.07
CA ASP B 171 -2.86 -26.07 28.22
C ASP B 171 -3.58 -26.01 26.87
N GLY B 172 -4.16 -24.85 26.53
CA GLY B 172 -4.92 -24.70 25.32
C GLY B 172 -6.27 -25.38 25.32
N LYS B 173 -6.57 -26.19 26.33
CA LYS B 173 -7.87 -26.82 26.46
C LYS B 173 -8.84 -26.03 27.33
N HIS B 174 -8.39 -24.92 27.91
CA HIS B 174 -9.20 -24.13 28.83
C HIS B 174 -9.20 -22.65 28.43
N ASP B 175 -9.08 -22.34 27.13
CA ASP B 175 -8.98 -20.96 26.71
C ASP B 175 -10.21 -20.14 27.08
N PHE B 176 -9.98 -18.89 27.47
CA PHE B 176 -11.01 -17.86 27.41
C PHE B 176 -11.00 -17.24 26.01
N ARG B 177 -12.19 -17.13 25.41
CA ARG B 177 -12.32 -16.50 24.09
C ARG B 177 -13.59 -15.68 24.02
N VAL B 178 -13.51 -14.54 23.36
CA VAL B 178 -14.69 -13.80 22.92
C VAL B 178 -14.93 -14.20 21.48
N TRP B 179 -16.06 -14.88 21.21
CA TRP B 179 -16.28 -15.40 19.86
C TRP B 179 -16.61 -14.32 18.85
N ASN B 180 -17.10 -13.16 19.29
CA ASN B 180 -17.33 -12.02 18.42
C ASN B 180 -16.00 -11.50 17.89
N SER B 181 -16.02 -10.96 16.65
CA SER B 181 -14.81 -10.32 16.15
C SER B 181 -14.66 -8.91 16.72
N GLN B 182 -15.78 -8.25 17.01
CA GLN B 182 -15.78 -7.00 17.75
C GLN B 182 -16.90 -7.08 18.79
N LEU B 183 -16.73 -6.35 19.89
CA LEU B 183 -17.75 -6.37 20.94
C LEU B 183 -19.10 -5.89 20.41
N ILE B 184 -19.10 -4.85 19.58
CA ILE B 184 -20.33 -4.30 19.01
C ILE B 184 -20.24 -4.46 17.50
N ARG B 185 -21.20 -5.17 16.91
CA ARG B 185 -21.25 -5.39 15.46
C ARG B 185 -22.68 -5.66 15.04
N TYR B 186 -22.98 -5.36 13.77
CA TYR B 186 -24.34 -5.56 13.27
C TYR B 186 -24.49 -6.93 12.62
N ALA B 187 -25.63 -7.58 12.87
CA ALA B 187 -25.92 -8.89 12.28
C ALA B 187 -26.00 -8.82 10.76
N GLY B 188 -25.81 -9.97 10.13
CA GLY B 188 -26.02 -10.13 8.70
C GLY B 188 -26.77 -11.41 8.42
N TYR B 189 -27.73 -11.33 7.48
CA TYR B 189 -28.61 -12.46 7.19
C TYR B 189 -28.63 -12.74 5.71
N LYS B 190 -28.21 -13.94 5.32
CA LYS B 190 -28.34 -14.37 3.94
C LYS B 190 -29.78 -14.76 3.68
N GLN B 191 -30.38 -14.14 2.68
CA GLN B 191 -31.77 -14.43 2.33
C GLN B 191 -31.83 -15.57 1.31
N PRO B 192 -32.97 -16.27 1.22
CA PRO B 192 -33.07 -17.35 0.23
C PRO B 192 -32.85 -16.89 -1.20
N ASP B 193 -33.13 -15.63 -1.51
CA ASP B 193 -32.96 -15.13 -2.87
C ASP B 193 -31.53 -14.73 -3.18
N GLY B 194 -30.59 -14.97 -2.26
CA GLY B 194 -29.20 -14.64 -2.44
C GLY B 194 -28.79 -13.28 -1.92
N SER B 195 -29.75 -12.41 -1.66
CA SER B 195 -29.44 -11.10 -1.10
C SER B 195 -29.06 -11.24 0.37
N THR B 196 -28.47 -10.18 0.92
CA THR B 196 -28.03 -10.15 2.30
C THR B 196 -28.67 -8.96 3.00
N LEU B 197 -29.24 -9.20 4.18
CA LEU B 197 -29.80 -8.15 5.02
C LEU B 197 -28.83 -7.87 6.16
N GLY B 198 -28.51 -6.60 6.37
CA GLY B 198 -27.55 -6.25 7.39
C GLY B 198 -26.12 -6.26 6.86
N ASP B 199 -25.19 -6.64 7.73
CA ASP B 199 -23.77 -6.56 7.43
C ASP B 199 -23.29 -7.87 6.86
N PRO B 200 -22.90 -7.93 5.55
CA PRO B 200 -22.44 -9.21 4.99
C PRO B 200 -21.24 -9.79 5.72
N ALA B 201 -20.39 -8.94 6.30
CA ALA B 201 -19.20 -9.42 6.99
C ALA B 201 -19.52 -10.32 8.18
N ASN B 202 -20.75 -10.28 8.69
CA ASN B 202 -21.08 -10.97 9.93
C ASN B 202 -22.10 -12.09 9.73
N VAL B 203 -22.29 -12.53 8.49
CA VAL B 203 -23.29 -13.56 8.22
C VAL B 203 -22.94 -14.86 8.94
N GLN B 204 -21.69 -15.28 8.85
CA GLN B 204 -21.33 -16.58 9.43
C GLN B 204 -21.46 -16.54 10.96
N PHE B 205 -21.02 -15.45 11.59
CA PHE B 205 -21.15 -15.34 13.03
C PHE B 205 -22.61 -15.24 13.46
N THR B 206 -23.40 -14.43 12.75
CA THR B 206 -24.84 -14.35 12.99
C THR B 206 -25.49 -15.73 12.97
N GLU B 207 -25.06 -16.60 12.05
CA GLU B 207 -25.65 -17.93 11.97
C GLU B 207 -25.35 -18.75 13.21
N ILE B 208 -24.09 -18.71 13.68
CA ILE B 208 -23.72 -19.39 14.92
C ILE B 208 -24.56 -18.88 16.07
N CYS B 209 -24.70 -17.56 16.18
CA CYS B 209 -25.52 -16.98 17.24
C CYS B 209 -26.95 -17.52 17.17
N ILE B 210 -27.54 -17.49 15.98
CA ILE B 210 -28.91 -18.00 15.82
C ILE B 210 -28.99 -19.47 16.21
N GLN B 211 -27.95 -20.23 15.85
CA GLN B 211 -27.95 -21.65 16.19
C GLN B 211 -27.87 -21.86 17.70
N GLN B 212 -27.09 -21.03 18.38
CA GLN B 212 -26.96 -21.10 19.83
C GLN B 212 -28.19 -20.56 20.56
N GLY B 213 -29.27 -20.22 19.87
CA GLY B 213 -30.51 -19.80 20.52
C GLY B 213 -30.84 -18.33 20.43
N TRP B 214 -30.01 -17.53 19.78
CA TRP B 214 -30.31 -16.10 19.65
C TRP B 214 -31.56 -15.90 18.80
N LYS B 215 -32.49 -15.12 19.32
CA LYS B 215 -33.69 -14.73 18.59
C LYS B 215 -33.36 -13.49 17.78
N ALA B 216 -33.19 -13.66 16.50
CA ALA B 216 -32.75 -12.55 15.66
C ALA B 216 -33.94 -11.67 15.30
N PRO B 217 -33.85 -10.36 15.54
CA PRO B 217 -34.88 -9.45 15.01
C PRO B 217 -34.93 -9.43 13.49
N ARG B 218 -33.88 -9.88 12.81
CA ARG B 218 -33.80 -9.87 11.35
C ARG B 218 -34.03 -8.46 10.80
N GLY B 219 -33.30 -7.50 11.37
CA GLY B 219 -33.29 -6.14 10.88
C GLY B 219 -31.96 -5.79 10.22
N ARG B 220 -31.88 -4.53 9.78
CA ARG B 220 -30.73 -4.08 9.02
C ARG B 220 -29.54 -3.69 9.91
N PHE B 221 -29.79 -3.26 11.15
CA PHE B 221 -28.74 -2.85 12.09
C PHE B 221 -29.05 -3.43 13.48
N ASP B 222 -28.97 -4.75 13.60
CA ASP B 222 -29.18 -5.44 14.86
C ASP B 222 -27.84 -5.66 15.54
N VAL B 223 -27.68 -5.09 16.75
CA VAL B 223 -26.47 -5.38 17.52
C VAL B 223 -26.43 -6.87 17.84
N LEU B 224 -25.28 -7.49 17.60
CA LEU B 224 -25.14 -8.90 17.86
C LEU B 224 -25.01 -9.15 19.36
N PRO B 225 -25.43 -10.33 19.83
CA PRO B 225 -25.19 -10.69 21.23
C PRO B 225 -23.74 -11.08 21.40
N LEU B 226 -23.25 -10.94 22.63
CA LEU B 226 -21.94 -11.44 22.97
C LEU B 226 -21.99 -12.97 23.09
N LEU B 227 -20.99 -13.65 22.52
CA LEU B 227 -20.85 -15.09 22.64
C LEU B 227 -19.52 -15.35 23.35
N LEU B 228 -19.59 -15.72 24.63
CA LEU B 228 -18.42 -15.69 25.51
C LEU B 228 -18.06 -17.07 26.00
N GLN B 229 -16.77 -17.40 25.93
CA GLN B 229 -16.24 -18.70 26.33
C GLN B 229 -15.25 -18.54 27.47
N ALA B 230 -15.54 -19.17 28.62
CA ALA B 230 -14.65 -19.16 29.77
C ALA B 230 -14.08 -20.55 30.04
N ASN B 231 -12.77 -20.59 30.33
CA ASN B 231 -12.11 -21.80 30.83
C ASN B 231 -12.33 -23.00 29.91
N GLY B 232 -12.50 -22.75 28.62
CA GLY B 232 -12.66 -23.84 27.67
C GLY B 232 -14.05 -24.43 27.59
N ASN B 233 -15.02 -23.86 28.29
CA ASN B 233 -16.38 -24.36 28.22
C ASN B 233 -17.09 -23.84 26.97
N ASP B 234 -18.23 -24.46 26.66
CA ASP B 234 -19.02 -24.02 25.52
C ASP B 234 -19.40 -22.55 25.71
N PRO B 235 -19.42 -21.75 24.65
CA PRO B 235 -19.72 -20.33 24.84
C PRO B 235 -21.19 -20.11 25.15
N GLU B 236 -21.47 -18.95 25.74
CA GLU B 236 -22.82 -18.59 26.16
C GLU B 236 -23.19 -17.22 25.61
N LEU B 237 -24.49 -17.02 25.40
CA LEU B 237 -25.00 -15.81 24.78
C LEU B 237 -25.44 -14.79 25.83
N PHE B 238 -25.13 -13.53 25.57
CA PHE B 238 -25.56 -12.43 26.41
C PHE B 238 -25.89 -11.23 25.51
N GLN B 239 -26.89 -10.46 25.93
CA GLN B 239 -27.28 -9.24 25.21
C GLN B 239 -26.72 -8.03 25.95
N ILE B 240 -25.84 -7.29 25.29
CA ILE B 240 -25.35 -6.01 25.84
C ILE B 240 -26.56 -5.11 26.08
N PRO B 241 -26.70 -4.53 27.27
CA PRO B 241 -27.80 -3.59 27.51
C PRO B 241 -27.81 -2.49 26.46
N PRO B 242 -28.94 -2.28 25.77
CA PRO B 242 -28.96 -1.30 24.67
C PRO B 242 -28.53 0.09 25.10
N GLU B 243 -28.75 0.45 26.36
CA GLU B 243 -28.35 1.79 26.82
C GLU B 243 -26.84 1.92 26.91
N LEU B 244 -26.10 0.80 26.86
CA LEU B 244 -24.66 0.87 26.81
C LEU B 244 -24.12 0.97 25.40
N VAL B 245 -24.96 0.79 24.37
CA VAL B 245 -24.50 0.75 22.98
C VAL B 245 -24.84 2.10 22.35
N LEU B 246 -23.84 2.95 22.23
CA LEU B 246 -24.01 4.28 21.66
C LEU B 246 -23.94 4.18 20.15
N GLU B 247 -24.95 4.74 19.47
CA GLU B 247 -25.07 4.71 18.03
C GLU B 247 -25.31 6.11 17.50
N VAL B 248 -24.95 6.32 16.25
CA VAL B 248 -24.98 7.63 15.58
C VAL B 248 -25.77 7.50 14.30
N PRO B 249 -26.91 8.16 14.16
CA PRO B 249 -27.60 8.19 12.86
C PRO B 249 -26.77 8.97 11.86
N ILE B 250 -26.63 8.44 10.65
CA ILE B 250 -25.79 9.08 9.65
C ILE B 250 -26.66 10.01 8.81
N ARG B 251 -26.31 11.29 8.79
CA ARG B 251 -26.92 12.28 7.92
C ARG B 251 -25.80 13.10 7.25
N HIS B 252 -26.17 13.82 6.21
CA HIS B 252 -25.21 14.60 5.45
C HIS B 252 -25.49 16.09 5.65
N PRO B 253 -24.45 16.92 5.75
CA PRO B 253 -24.69 18.34 6.08
C PRO B 253 -25.37 19.15 4.98
N LYS B 254 -25.28 18.72 3.71
CA LYS B 254 -25.97 19.40 2.62
C LYS B 254 -27.10 18.59 2.02
N PHE B 255 -27.01 17.26 2.05
CA PHE B 255 -27.98 16.40 1.37
C PHE B 255 -29.02 15.94 2.39
N ASP B 256 -30.21 16.55 2.34
CA ASP B 256 -31.27 16.19 3.24
C ASP B 256 -31.80 14.79 2.99
N TRP B 257 -31.61 14.23 1.80
CA TRP B 257 -32.09 12.88 1.54
C TRP B 257 -31.20 11.80 2.13
N PHE B 258 -30.01 12.15 2.62
CA PHE B 258 -29.08 11.14 3.11
C PHE B 258 -29.63 10.42 4.34
N LYS B 259 -30.32 11.15 5.22
CA LYS B 259 -30.91 10.52 6.40
C LYS B 259 -31.87 9.41 6.01
N ASP B 260 -32.60 9.59 4.92
CA ASP B 260 -33.64 8.64 4.52
C ASP B 260 -33.06 7.32 4.02
N LEU B 261 -31.75 7.24 3.78
CA LEU B 261 -31.10 5.96 3.58
C LEU B 261 -31.15 5.07 4.81
N GLY B 262 -31.50 5.63 5.97
CA GLY B 262 -31.71 4.84 7.16
C GLY B 262 -30.46 4.25 7.77
N LEU B 263 -29.31 4.89 7.57
CA LEU B 263 -28.05 4.37 8.06
C LEU B 263 -27.74 4.87 9.47
N LYS B 264 -27.11 4.00 10.25
CA LYS B 264 -26.50 4.39 11.50
C LYS B 264 -25.25 3.53 11.72
N TRP B 265 -24.39 3.96 12.63
CA TRP B 265 -23.27 3.13 13.04
C TRP B 265 -23.06 3.27 14.54
N TYR B 266 -22.38 2.28 15.10
CA TYR B 266 -22.08 2.33 16.52
C TYR B 266 -20.81 3.16 16.76
N GLY B 267 -20.69 3.67 17.99
CA GLY B 267 -19.64 4.62 18.28
C GLY B 267 -18.31 4.00 18.66
N LEU B 268 -18.32 2.77 19.18
CA LEU B 268 -17.14 2.24 19.86
C LEU B 268 -16.52 1.07 19.09
N PRO B 269 -15.36 1.26 18.48
CA PRO B 269 -14.67 0.14 17.79
C PRO B 269 -13.86 -0.66 18.80
N ALA B 270 -14.22 -1.94 18.99
CA ALA B 270 -13.73 -2.74 20.11
C ALA B 270 -13.38 -4.14 19.59
N VAL B 271 -12.14 -4.29 19.13
CA VAL B 271 -11.70 -5.55 18.51
C VAL B 271 -11.52 -6.60 19.61
N SER B 272 -12.06 -7.80 19.38
CA SER B 272 -12.11 -8.76 20.46
C SER B 272 -11.62 -10.16 20.09
N ASN B 273 -11.03 -10.36 18.90
CA ASN B 273 -10.61 -11.69 18.47
C ASN B 273 -9.10 -11.85 18.36
N MET B 274 -8.33 -10.90 18.85
CA MET B 274 -6.88 -11.00 18.76
C MET B 274 -6.30 -11.63 20.02
N LEU B 275 -5.06 -12.07 19.91
CA LEU B 275 -4.33 -12.66 21.02
C LEU B 275 -3.21 -11.70 21.45
N LEU B 276 -3.14 -11.44 22.75
CA LEU B 276 -2.10 -10.59 23.34
C LEU B 276 -0.97 -11.48 23.86
N GLU B 277 0.25 -11.29 23.34
CA GLU B 277 1.40 -12.05 23.82
C GLU B 277 2.33 -11.15 24.62
N ILE B 278 2.59 -11.54 25.88
CA ILE B 278 3.45 -10.83 26.81
C ILE B 278 4.35 -11.84 27.49
N GLY B 279 5.67 -11.67 27.33
CA GLY B 279 6.62 -12.56 27.97
C GLY B 279 6.37 -14.04 27.76
N GLY B 280 5.88 -14.42 26.57
CA GLY B 280 5.59 -15.81 26.29
C GLY B 280 4.23 -16.27 26.77
N LEU B 281 3.56 -15.50 27.62
CA LEU B 281 2.19 -15.78 28.02
C LEU B 281 1.24 -15.35 26.91
N GLU B 282 0.19 -16.14 26.70
CA GLU B 282 -0.79 -15.89 25.64
C GLU B 282 -2.15 -15.58 26.25
N PHE B 283 -2.65 -14.38 26.00
CA PHE B 283 -3.98 -13.96 26.48
C PHE B 283 -4.92 -13.97 25.27
N SER B 284 -5.65 -15.08 25.15
CA SER B 284 -6.53 -15.35 24.02
C SER B 284 -7.82 -14.55 24.05
N ALA B 285 -8.15 -13.95 25.18
CA ALA B 285 -9.31 -13.06 25.28
C ALA B 285 -8.83 -11.77 25.90
N CYS B 286 -8.80 -10.71 25.09
CA CYS B 286 -8.23 -9.43 25.49
C CYS B 286 -8.88 -8.28 24.72
N PRO B 287 -10.20 -8.13 24.78
CA PRO B 287 -10.88 -7.08 23.98
C PRO B 287 -10.31 -5.69 24.27
N PHE B 288 -10.09 -4.92 23.20
CA PHE B 288 -9.60 -3.56 23.37
C PHE B 288 -10.38 -2.63 22.45
N SER B 289 -10.32 -1.34 22.77
CA SER B 289 -11.14 -0.37 22.05
C SER B 289 -10.45 0.98 22.01
N GLY B 290 -10.67 1.71 20.92
CA GLY B 290 -10.26 3.09 20.92
C GLY B 290 -11.40 3.92 20.38
N TRP B 291 -11.14 4.64 19.28
CA TRP B 291 -12.16 5.38 18.56
C TRP B 291 -11.90 5.29 17.06
N TYR B 292 -12.92 5.60 16.29
CA TYR B 292 -12.89 5.34 14.85
C TYR B 292 -12.12 6.43 14.11
N MET B 293 -11.35 6.00 13.11
CA MET B 293 -11.04 6.86 11.97
C MET B 293 -12.22 6.79 11.02
N GLY B 294 -12.62 7.96 10.49
CA GLY B 294 -13.84 8.03 9.70
C GLY B 294 -13.90 7.06 8.54
N THR B 295 -12.76 6.77 7.92
CA THR B 295 -12.75 5.92 6.75
C THR B 295 -13.05 4.46 7.05
N GLU B 296 -12.83 4.02 8.30
CA GLU B 296 -13.20 2.65 8.64
C GLU B 296 -14.69 2.43 8.39
N ILE B 297 -15.53 3.40 8.74
CA ILE B 297 -16.95 3.28 8.51
C ILE B 297 -17.31 3.68 7.08
N GLY B 298 -16.87 4.86 6.64
CA GLY B 298 -17.39 5.45 5.42
C GLY B 298 -16.83 4.82 4.15
N VAL B 299 -15.56 4.42 4.19
CA VAL B 299 -14.95 3.76 3.06
C VAL B 299 -15.21 2.25 3.10
N ARG B 300 -14.78 1.60 4.17
CA ARG B 300 -14.78 0.14 4.18
C ARG B 300 -16.16 -0.42 4.55
N ASP B 301 -16.69 -0.03 5.72
CA ASP B 301 -17.95 -0.60 6.21
C ASP B 301 -19.11 -0.35 5.25
N TYR B 302 -19.15 0.81 4.62
CA TYR B 302 -20.29 1.19 3.79
C TYR B 302 -20.10 0.95 2.31
N CYS B 303 -18.85 0.94 1.83
CA CYS B 303 -18.58 1.01 0.40
C CYS B 303 -17.78 -0.16 -0.16
N ASP B 304 -17.16 -0.96 0.69
CA ASP B 304 -16.68 -2.27 0.24
C ASP B 304 -17.82 -2.99 -0.46
N ASN B 305 -17.52 -3.51 -1.67
CA ASN B 305 -18.51 -4.28 -2.40
C ASN B 305 -19.04 -5.45 -1.56
N SER B 306 -18.20 -6.02 -0.70
CA SER B 306 -18.58 -7.15 0.13
CA SER B 306 -18.58 -7.16 0.14
C SER B 306 -19.15 -6.73 1.48
N ARG B 307 -19.48 -5.45 1.67
CA ARG B 307 -20.12 -4.98 2.91
C ARG B 307 -21.49 -4.36 2.59
N TYR B 308 -21.83 -3.25 3.26
CA TYR B 308 -23.16 -2.67 3.04
C TYR B 308 -23.32 -2.17 1.62
N ASN B 309 -22.22 -1.71 1.00
CA ASN B 309 -22.16 -1.43 -0.44
C ASN B 309 -23.28 -0.49 -0.90
N ILE B 310 -23.26 0.71 -0.32
CA ILE B 310 -24.28 1.71 -0.59
C ILE B 310 -23.86 2.68 -1.68
N LEU B 311 -22.70 2.44 -2.30
CA LEU B 311 -22.21 3.35 -3.34
C LEU B 311 -23.27 3.60 -4.40
N GLU B 312 -23.93 2.54 -4.85
CA GLU B 312 -24.91 2.68 -5.93
C GLU B 312 -26.06 3.57 -5.52
N GLU B 313 -26.66 3.29 -4.35
CA GLU B 313 -27.79 4.09 -3.87
C GLU B 313 -27.40 5.55 -3.74
N VAL B 314 -26.28 5.81 -3.07
CA VAL B 314 -25.82 7.20 -2.91
C VAL B 314 -25.59 7.84 -4.27
N ALA B 315 -24.94 7.14 -5.18
CA ALA B 315 -24.70 7.68 -6.51
C ALA B 315 -26.00 7.98 -7.24
N LYS B 316 -27.00 7.10 -7.09
CA LYS B 316 -28.29 7.36 -7.75
C LYS B 316 -28.97 8.59 -7.17
N LYS B 317 -29.02 8.69 -5.84
CA LYS B 317 -29.67 9.84 -5.21
C LYS B 317 -28.94 11.14 -5.50
N MET B 318 -27.62 11.08 -5.76
CA MET B 318 -26.89 12.25 -6.24
C MET B 318 -27.07 12.48 -7.73
N ASP B 319 -27.68 11.54 -8.44
CA ASP B 319 -27.86 11.59 -9.89
C ASP B 319 -26.52 11.91 -10.58
N LEU B 320 -25.65 10.92 -10.53
CA LEU B 320 -24.37 10.95 -11.20
C LEU B 320 -24.43 10.11 -12.47
N ASP B 321 -23.47 10.35 -13.37
CA ASP B 321 -23.33 9.53 -14.57
C ASP B 321 -22.75 8.18 -14.15
N MET B 322 -23.62 7.17 -14.00
CA MET B 322 -23.20 5.85 -13.54
C MET B 322 -22.98 4.88 -14.68
N ARG B 323 -23.06 5.34 -15.93
CA ARG B 323 -22.89 4.46 -17.08
C ARG B 323 -21.43 4.06 -17.27
N LYS B 324 -20.53 5.02 -17.22
CA LYS B 324 -19.10 4.78 -17.40
C LYS B 324 -18.36 5.12 -16.11
N THR B 325 -17.37 4.29 -15.77
CA THR B 325 -16.62 4.52 -14.53
C THR B 325 -15.75 5.77 -14.61
N SER B 326 -15.29 6.14 -15.81
CA SER B 326 -14.43 7.32 -15.95
C SER B 326 -15.15 8.61 -15.56
N SER B 327 -16.45 8.56 -15.28
CA SER B 327 -17.10 9.71 -14.66
C SER B 327 -16.76 9.84 -13.17
N LEU B 328 -16.06 8.84 -12.61
CA LEU B 328 -15.68 8.84 -11.18
C LEU B 328 -16.89 9.06 -10.28
N TRP B 329 -18.05 8.53 -10.70
CA TRP B 329 -19.21 8.55 -9.82
C TRP B 329 -18.92 7.77 -8.54
N LYS B 330 -18.18 6.67 -8.63
CA LYS B 330 -17.87 5.89 -7.43
C LYS B 330 -17.02 6.71 -6.46
N ASP B 331 -16.01 7.41 -6.99
CA ASP B 331 -15.16 8.25 -6.17
C ASP B 331 -15.96 9.39 -5.54
N GLN B 332 -16.86 10.00 -6.32
CA GLN B 332 -17.64 11.13 -5.81
C GLN B 332 -18.56 10.70 -4.68
N ALA B 333 -19.28 9.60 -4.87
CA ALA B 333 -20.17 9.11 -3.83
C ALA B 333 -19.39 8.73 -2.56
N LEU B 334 -18.18 8.21 -2.72
CA LEU B 334 -17.37 7.81 -1.58
C LEU B 334 -17.02 9.00 -0.71
N VAL B 335 -16.63 10.12 -1.33
CA VAL B 335 -16.30 11.31 -0.54
C VAL B 335 -17.51 11.78 0.25
N GLU B 336 -18.68 11.82 -0.40
CA GLU B 336 -19.87 12.31 0.29
C GLU B 336 -20.23 11.44 1.49
N ILE B 337 -20.14 10.12 1.33
CA ILE B 337 -20.46 9.20 2.43
C ILE B 337 -19.53 9.44 3.61
N ASN B 338 -18.25 9.69 3.33
CA ASN B 338 -17.29 9.91 4.40
C ASN B 338 -17.45 11.28 5.05
N ILE B 339 -17.88 12.28 4.27
CA ILE B 339 -18.29 13.56 4.84
C ILE B 339 -19.45 13.35 5.81
N ALA B 340 -20.43 12.53 5.43
CA ALA B 340 -21.60 12.33 6.29
C ALA B 340 -21.23 11.63 7.59
N VAL B 341 -20.30 10.67 7.54
CA VAL B 341 -19.91 9.92 8.74
C VAL B 341 -19.27 10.86 9.75
N LEU B 342 -18.30 11.67 9.29
CA LEU B 342 -17.64 12.61 10.18
C LEU B 342 -18.61 13.65 10.70
N TYR B 343 -19.50 14.16 9.83
CA TYR B 343 -20.45 15.16 10.26
C TYR B 343 -21.40 14.62 11.31
N SER B 344 -21.88 13.40 11.13
CA SER B 344 -22.82 12.82 12.10
C SER B 344 -22.15 12.62 13.45
N PHE B 345 -20.94 12.05 13.46
CA PHE B 345 -20.24 11.81 14.72
C PHE B 345 -19.94 13.12 15.46
N GLN B 346 -19.41 14.11 14.73
CA GLN B 346 -19.09 15.37 15.38
C GLN B 346 -20.34 16.08 15.90
N SER B 347 -21.42 16.07 15.12
CA SER B 347 -22.66 16.71 15.57
C SER B 347 -23.16 16.09 16.87
N ASP B 348 -23.01 14.77 17.01
CA ASP B 348 -23.42 14.07 18.20
C ASP B 348 -22.33 14.00 19.27
N LYS B 349 -21.21 14.70 19.04
CA LYS B 349 -20.11 14.76 20.00
C LYS B 349 -19.64 13.37 20.40
N VAL B 350 -19.51 12.49 19.40
CA VAL B 350 -18.93 11.17 19.56
C VAL B 350 -17.54 11.22 18.92
N THR B 351 -16.53 10.84 19.69
CA THR B 351 -15.15 10.98 19.24
C THR B 351 -14.93 10.30 17.89
N ILE B 352 -14.31 11.02 16.95
CA ILE B 352 -13.89 10.45 15.68
C ILE B 352 -12.74 11.28 15.16
N VAL B 353 -11.95 10.70 14.27
CA VAL B 353 -10.80 11.39 13.69
C VAL B 353 -10.79 11.14 12.19
N ASP B 354 -10.59 12.20 11.41
CA ASP B 354 -10.54 12.04 9.98
C ASP B 354 -9.15 11.55 9.58
N HIS B 355 -9.05 11.03 8.35
CA HIS B 355 -7.81 10.40 7.90
C HIS B 355 -6.68 11.40 7.67
N HIS B 356 -6.98 12.68 7.44
CA HIS B 356 -5.92 13.67 7.37
C HIS B 356 -5.30 13.90 8.75
N SER B 357 -6.15 14.17 9.76
CA SER B 357 -5.64 14.40 11.10
CA SER B 357 -5.64 14.40 11.10
C SER B 357 -4.87 13.18 11.61
N ALA B 358 -5.42 11.99 11.39
CA ALA B 358 -4.84 10.78 11.98
C ALA B 358 -3.49 10.45 11.36
N THR B 359 -3.33 10.68 10.04
CA THR B 359 -2.05 10.34 9.42
C THR B 359 -0.99 11.38 9.74
N GLU B 360 -1.37 12.65 9.82
CA GLU B 360 -0.46 13.69 10.28
C GLU B 360 0.06 13.40 11.68
N SER B 361 -0.85 13.02 12.59
CA SER B 361 -0.42 12.63 13.92
C SER B 361 0.52 11.43 13.89
N PHE B 362 0.23 10.45 13.03
CA PHE B 362 1.10 9.28 13.01
C PHE B 362 2.53 9.67 12.62
N ILE B 363 2.67 10.55 11.61
CA ILE B 363 4.00 10.98 11.19
C ILE B 363 4.75 11.61 12.37
N LYS B 364 4.07 12.44 13.15
CA LYS B 364 4.71 13.05 14.32
C LYS B 364 5.08 11.99 15.35
N HIS B 365 4.15 11.06 15.61
CA HIS B 365 4.44 9.92 16.47
C HIS B 365 5.67 9.17 15.98
N MET B 366 5.70 8.86 14.68
CA MET B 366 6.78 8.03 14.13
C MET B 366 8.13 8.72 14.29
N GLU B 367 8.20 10.01 13.96
CA GLU B 367 9.45 10.75 14.13
C GLU B 367 9.87 10.78 15.60
N ASN B 368 8.92 10.97 16.50
CA ASN B 368 9.25 10.98 17.93
C ASN B 368 9.78 9.61 18.38
N GLU B 369 9.18 8.53 17.85
CA GLU B 369 9.62 7.19 18.21
C GLU B 369 11.04 6.91 17.70
N TYR B 370 11.35 7.34 16.47
CA TYR B 370 12.72 7.19 15.98
C TYR B 370 13.71 7.92 16.90
N ARG B 371 13.29 9.04 17.48
CA ARG B 371 14.19 9.81 18.35
C ARG B 371 14.40 9.11 19.68
N CYS B 372 13.32 8.79 20.38
CA CYS B 372 13.41 8.31 21.75
C CYS B 372 13.55 6.80 21.84
N ARG B 373 13.21 6.07 20.79
CA ARG B 373 13.19 4.61 20.80
C ARG B 373 14.10 3.97 19.76
N GLY B 374 14.51 4.70 18.73
CA GLY B 374 15.35 4.14 17.69
C GLY B 374 14.59 3.50 16.54
N GLY B 375 13.30 3.72 16.44
CA GLY B 375 12.53 3.13 15.37
C GLY B 375 11.06 3.07 15.70
N CYS B 376 10.28 2.78 14.68
CA CYS B 376 8.83 2.63 14.81
C CYS B 376 8.40 1.70 13.69
N PRO B 377 8.22 0.42 13.98
CA PRO B 377 7.79 -0.53 12.94
C PRO B 377 6.44 -0.14 12.38
N ALA B 378 6.32 -0.19 11.05
CA ALA B 378 5.13 0.35 10.42
C ALA B 378 4.86 -0.36 9.10
N ASP B 379 3.58 -0.70 8.89
CA ASP B 379 3.13 -1.44 7.71
C ASP B 379 2.43 -0.45 6.77
N TRP B 380 3.19 0.04 5.79
CA TRP B 380 2.67 1.03 4.85
C TRP B 380 1.33 0.59 4.25
N VAL B 381 1.22 -0.70 3.92
CA VAL B 381 0.03 -1.22 3.26
C VAL B 381 -1.22 -0.95 4.09
N TRP B 382 -1.09 -0.95 5.42
CA TRP B 382 -2.21 -0.70 6.31
C TRP B 382 -2.27 0.73 6.82
N ILE B 383 -1.13 1.40 6.96
CA ILE B 383 -1.12 2.77 7.49
C ILE B 383 -1.77 3.75 6.51
N VAL B 384 -1.55 3.54 5.22
CA VAL B 384 -2.11 4.48 4.23
C VAL B 384 -3.63 4.32 4.15
N PRO B 385 -4.40 5.39 4.27
CA PRO B 385 -5.86 5.28 4.33
C PRO B 385 -6.45 4.75 3.03
N PRO B 386 -7.65 4.16 3.10
CA PRO B 386 -8.22 3.50 1.92
C PRO B 386 -8.87 4.44 0.92
N MET B 387 -8.81 5.75 1.14
CA MET B 387 -9.14 6.74 0.13
C MET B 387 -8.11 7.86 0.18
N SER B 388 -7.93 8.55 -0.95
CA SER B 388 -7.13 9.77 -1.01
C SER B 388 -5.71 9.54 -0.51
N GLY B 389 -5.15 8.37 -0.80
CA GLY B 389 -3.89 7.96 -0.18
C GLY B 389 -2.79 8.98 -0.31
N SER B 390 -2.55 9.49 -1.53
CA SER B 390 -1.37 10.32 -1.71
C SER B 390 -1.55 11.75 -1.20
N ILE B 391 -2.74 12.16 -0.78
CA ILE B 391 -2.84 13.51 -0.25
C ILE B 391 -2.70 13.48 1.26
N THR B 392 -2.39 12.24 1.82
CA THR B 392 -2.00 12.13 3.22
C THR B 392 -0.48 11.99 3.32
N PRO B 393 0.13 12.49 4.39
CA PRO B 393 1.60 12.50 4.46
C PRO B 393 2.22 11.11 4.58
N VAL B 394 1.47 10.09 5.02
CA VAL B 394 2.10 8.77 5.17
C VAL B 394 2.39 8.12 3.82
N PHE B 395 1.64 8.49 2.76
CA PHE B 395 1.86 7.89 1.45
C PHE B 395 3.31 8.07 0.99
N HIS B 396 3.88 9.23 1.29
CA HIS B 396 5.22 9.62 0.86
C HIS B 396 6.30 9.18 1.83
N GLN B 397 5.92 8.50 2.90
CA GLN B 397 6.80 8.15 3.99
C GLN B 397 7.26 6.71 3.82
N GLU B 398 8.57 6.52 3.72
CA GLU B 398 9.12 5.17 3.79
C GLU B 398 9.01 4.65 5.21
N MET B 399 8.72 3.35 5.33
CA MET B 399 8.50 2.67 6.60
C MET B 399 9.18 1.30 6.57
N LEU B 400 9.63 0.88 7.74
CA LEU B 400 10.21 -0.45 7.93
C LEU B 400 9.26 -1.27 8.78
N ASN B 401 8.98 -2.49 8.34
CA ASN B 401 8.07 -3.36 9.07
C ASN B 401 8.86 -4.51 9.66
N TYR B 402 8.70 -4.72 10.96
CA TYR B 402 9.32 -5.82 11.67
C TYR B 402 8.49 -6.06 12.93
N ARG B 403 8.71 -7.22 13.53
CA ARG B 403 7.86 -7.72 14.61
C ARG B 403 8.58 -7.56 15.94
N LEU B 404 7.94 -6.85 16.87
CA LEU B 404 8.45 -6.70 18.23
C LEU B 404 7.44 -7.31 19.19
N THR B 405 7.93 -7.78 20.34
CA THR B 405 7.06 -8.27 21.39
CA THR B 405 7.06 -8.28 21.39
C THR B 405 7.21 -7.39 22.63
N PRO B 406 6.15 -7.24 23.44
CA PRO B 406 4.77 -7.74 23.44
C PRO B 406 4.02 -7.44 22.15
N SER B 407 3.03 -8.26 21.77
CA SER B 407 2.38 -8.06 20.50
C SER B 407 0.94 -8.54 20.53
N PHE B 408 0.15 -8.00 19.61
CA PHE B 408 -1.16 -8.52 19.26
C PHE B 408 -1.03 -9.41 18.04
N GLU B 409 -1.54 -10.63 18.14
CA GLU B 409 -1.46 -11.59 17.05
C GLU B 409 -2.87 -11.99 16.61
N TYR B 410 -2.95 -12.52 15.40
CA TYR B 410 -4.16 -13.17 14.95
C TYR B 410 -4.24 -14.58 15.53
N GLN B 411 -5.46 -15.07 15.68
CA GLN B 411 -5.69 -16.44 16.12
C GLN B 411 -6.84 -17.00 15.35
N PRO B 412 -6.92 -18.33 15.19
CA PRO B 412 -8.03 -18.93 14.45
C PRO B 412 -9.36 -18.67 15.15
N ASP B 413 -10.41 -18.53 14.33
CA ASP B 413 -11.74 -18.37 14.89
C ASP B 413 -12.07 -19.57 15.77
N PRO B 414 -12.66 -19.34 16.95
CA PRO B 414 -12.81 -20.46 17.91
C PRO B 414 -13.70 -21.57 17.40
N TRP B 415 -14.74 -21.25 16.63
CA TRP B 415 -15.63 -22.30 16.17
C TRP B 415 -14.93 -23.36 15.33
N ASN B 416 -13.77 -23.04 14.76
CA ASN B 416 -13.03 -24.02 13.98
C ASN B 416 -12.17 -24.93 14.84
N THR B 417 -11.86 -24.55 16.09
CA THR B 417 -10.99 -25.34 16.94
C THR B 417 -11.68 -25.92 18.17
N HIS B 418 -12.83 -25.38 18.56
CA HIS B 418 -13.41 -25.72 19.84
C HIS B 418 -13.90 -27.16 19.89
N VAL B 419 -13.62 -27.84 21.00
CA VAL B 419 -14.13 -29.19 21.26
C VAL B 419 -15.40 -29.02 22.08
N TRP B 420 -16.54 -29.36 21.47
CA TRP B 420 -17.83 -29.06 22.09
C TRP B 420 -18.14 -30.01 23.24
N LYS B 421 -18.64 -29.44 24.33
CA LYS B 421 -18.94 -30.22 25.53
C LYS B 421 -20.30 -30.91 25.43
N GLY B 422 -21.29 -30.24 24.85
CA GLY B 422 -22.63 -30.79 24.74
C GLY B 422 -23.59 -30.30 25.80
CHA HEM C . 4.98 2.00 -13.51
CHB HEM C . 0.79 2.49 -15.88
CHC HEM C . 2.99 1.21 -19.99
CHD HEM C . 7.01 0.09 -17.52
C1A HEM C . 3.69 2.36 -13.82
C2A HEM C . 2.77 3.10 -12.97
C3A HEM C . 1.62 3.25 -13.62
C4A HEM C . 1.75 2.58 -14.90
CMA HEM C . 0.36 3.97 -13.07
CAA HEM C . 3.08 3.67 -11.56
CBA HEM C . 4.12 4.77 -11.75
CGA HEM C . 3.78 6.01 -10.96
O1A HEM C . 2.75 5.99 -10.23
O2A HEM C . 4.54 7.01 -11.08
C1B HEM C . 1.02 2.19 -17.20
C2B HEM C . 0.03 2.26 -18.24
C3B HEM C . 0.60 1.91 -19.39
C4B HEM C . 2.01 1.60 -19.10
CMB HEM C . -1.45 2.67 -18.02
CAB HEM C . -0.17 1.88 -20.73
CBB HEM C . 0.34 1.35 -21.86
C1C HEM C . 4.28 0.82 -19.69
C2C HEM C . 5.27 0.40 -20.66
C3C HEM C . 6.40 0.11 -19.99
C4C HEM C . 6.14 0.29 -18.57
CMC HEM C . 4.98 0.42 -22.19
CAC HEM C . 7.76 -0.41 -20.54
CBC HEM C . 7.91 -0.80 -21.81
C1D HEM C . 6.79 0.51 -16.23
C2D HEM C . 7.73 0.37 -15.14
C3D HEM C . 7.17 0.89 -14.04
C4D HEM C . 5.86 1.38 -14.38
CMD HEM C . 9.13 -0.28 -15.25
CAD HEM C . 7.80 0.94 -12.63
CBD HEM C . 8.98 1.90 -12.50
CGD HEM C . 9.61 1.64 -11.15
O1D HEM C . 10.02 0.47 -10.87
O2D HEM C . 9.71 2.60 -10.36
NA HEM C . 3.02 2.06 -14.99
NB HEM C . 2.22 1.77 -17.74
NC HEM C . 4.86 0.72 -18.45
ND HEM C . 5.64 1.12 -15.73
FE HEM C . 3.83 0.99 -16.64
N1 H4B D . 2.93 4.34 -5.92
C2 H4B D . 3.01 4.79 -7.19
N2 H4B D . 2.20 4.24 -8.12
N3 H4B D . 3.90 5.76 -7.53
C4 H4B D . 4.72 6.31 -6.60
O4 H4B D . 5.53 7.21 -6.93
C4A H4B D . 4.65 5.85 -5.30
C8A H4B D . 3.73 4.86 -4.98
N5 H4B D . 5.44 6.36 -4.33
N8 H4B D . 3.61 4.39 -3.71
C6 H4B D . 5.71 5.48 -3.19
C7 H4B D . 4.42 4.89 -2.62
C9 H4B D . 6.47 6.19 -2.08
O9 H4B D . 5.76 7.40 -1.76
C10 H4B D . 6.57 5.29 -0.85
C11 H4B D . 6.99 6.04 0.40
O10 H4B D . 7.48 4.20 -1.09
C02 V54 E . 13.43 10.49 -7.74
C03 V54 E . 14.62 9.89 -8.16
C04 V54 E . 14.63 8.52 -8.42
C05 V54 E . 13.47 7.79 -8.25
C06 V54 E . 12.30 8.43 -7.84
C07 V54 E . 11.03 7.64 -7.66
C09 V54 E . 8.89 7.51 -8.80
C10 V54 E . 9.13 7.25 -10.26
C11 V54 E . 10.40 7.39 -10.84
C12 V54 E . 10.60 7.13 -12.19
C13 V54 E . 9.53 6.76 -12.98
C14 V54 E . 8.27 6.64 -12.41
C16 V54 E . 7.40 4.99 -13.81
C17 V54 E . 6.52 4.82 -15.00
C18 V54 E . 7.02 4.00 -15.98
C19 V54 E . 6.29 3.76 -17.12
C20 V54 E . 5.04 4.32 -17.27
C21 V54 E . 4.34 4.05 -18.44
C22 V54 E . 3.09 4.61 -18.59
C23 V54 E . 2.56 5.41 -17.58
C26 V54 E . 4.51 5.14 -16.27
C27 V54 E . 5.25 5.41 -15.12
C28 V54 E . 8.06 6.87 -11.06
N01 V54 E . 13.40 11.82 -7.49
N08 V54 E . 9.92 8.41 -8.25
N24 V54 E . 1.34 5.95 -17.78
N25 V54 E . 3.27 5.67 -16.44
N29 V54 E . 12.31 9.76 -7.59
O15 V54 E . 7.23 6.26 -13.20
C ACT F . -4.76 -0.04 -19.84
O ACT F . -5.37 0.81 -20.52
OXT ACT F . -5.38 -0.83 -19.09
CH3 ACT F . -3.26 0.00 -19.78
ZN ZN G . 8.88 -7.57 2.34
CHA HEM H . -5.12 -1.29 13.27
CHB HEM H . -6.89 3.18 14.11
CHC HEM H . -6.54 2.38 18.90
CHD HEM H . -4.44 -1.90 18.04
C1A HEM H . -5.75 -0.06 13.13
C2A HEM H . -6.34 0.44 11.89
C3A HEM H . -6.83 1.65 12.13
C4A HEM H . -6.57 2.00 13.51
CMA HEM H . -7.56 2.56 11.10
CAA HEM H . -6.41 -0.34 10.56
CBA HEM H . -7.49 -1.40 10.77
CGA HEM H . -8.41 -1.52 9.57
O1A HEM H . -8.39 -0.64 8.67
O2A HEM H . -9.18 -2.50 9.53
C1B HEM H . -6.94 3.36 15.49
C2B HEM H . -7.41 4.55 16.16
C3B HEM H . -7.30 4.36 17.47
C4B HEM H . -6.76 3.01 17.70
CMB HEM H . -7.93 5.87 15.52
CAB HEM H . -7.72 5.41 18.52
CBB HEM H . -7.23 5.39 19.76
C1C HEM H . -6.01 1.12 19.09
C2C HEM H . -5.86 0.43 20.37
C3C HEM H . -5.28 -0.76 20.14
C4C HEM H . -5.03 -0.86 18.70
CMC HEM H . -6.35 1.04 21.70
CAC HEM H . -4.88 -1.88 21.13
CBC HEM H . -4.87 -1.68 22.45
C1D HEM H . -4.44 -2.09 16.68
C2D HEM H . -3.93 -3.26 16.03
C3D HEM H . -4.10 -3.13 14.72
C4D HEM H . -4.76 -1.84 14.49
CMD HEM H . -3.29 -4.46 16.78
CAD HEM H . -3.65 -4.17 13.66
CBD HEM H . -4.79 -5.12 13.34
CGD HEM H . -4.41 -6.17 12.35
O1D HEM H . -3.20 -6.50 12.21
O2D HEM H . -5.35 -6.71 11.72
NA HEM H . -5.90 0.92 14.10
NB HEM H . -6.55 2.42 16.45
NC HEM H . -5.48 0.30 18.12
ND HEM H . -4.94 -1.23 15.71
FE HEM H . -5.35 0.74 16.12
N1 H4B I . -5.41 -1.61 5.20
C2 H4B I . -6.28 -1.42 6.23
N2 H4B I . -6.15 -0.32 7.00
N3 H4B I . -7.27 -2.32 6.48
C4 H4B I . -7.41 -3.43 5.73
O4 H4B I . -8.31 -4.25 5.96
C4A H4B I . -6.51 -3.65 4.68
C8A H4B I . -5.53 -2.70 4.43
N5 H4B I . -6.62 -4.75 3.89
N8 H4B I . -4.65 -2.88 3.42
C6 H4B I . -5.40 -5.17 3.21
C7 H4B I . -4.77 -3.98 2.45
C9 H4B I . -5.60 -6.36 2.27
O9 H4B I . -6.66 -6.11 1.35
C10 H4B I . -4.31 -6.68 1.51
C11 H4B I . -4.53 -7.66 0.37
O10 H4B I . -3.32 -7.21 2.41
C02 V54 J . -10.64 -11.68 7.27
C03 V54 J . -10.18 -12.93 7.68
C04 V54 J . -9.05 -13.02 8.49
C05 V54 J . -8.41 -11.86 8.89
C06 V54 J . -8.90 -10.63 8.46
C07 V54 J . -8.25 -9.34 8.86
C09 V54 J . -8.83 -7.02 9.25
C10 V54 J . -9.08 -6.82 10.73
C11 V54 J . -9.40 -7.87 11.60
C12 V54 J . -9.63 -7.64 12.95
C13 V54 J . -9.53 -6.34 13.43
C14 V54 J . -9.24 -5.30 12.55
C16 V54 J . -7.95 -3.84 13.77
C17 V54 J . -8.20 -2.68 14.66
C18 V54 J . -7.71 -2.74 15.94
C19 V54 J . -7.93 -1.67 16.79
C20 V54 J . -8.62 -0.58 16.32
C21 V54 J . -8.84 0.49 17.18
C22 V54 J . -9.53 1.58 16.69
C23 V54 J . -9.98 1.60 15.39
C26 V54 J . -9.09 -0.53 15.01
C27 V54 J . -8.88 -1.59 14.16
C28 V54 J . -9.00 -5.52 11.20
N01 V54 J . -11.74 -11.58 6.48
N08 V54 J . -9.33 -8.33 8.80
N24 V54 J . -10.64 2.68 14.92
N25 V54 J . -9.77 0.54 14.57
N29 V54 J . -10.00 -10.57 7.67
O15 V54 J . -9.13 -4.04 13.02
C ACT K . -5.96 9.82 16.78
O ACT K . -5.11 10.48 16.12
OXT ACT K . -7.17 10.13 16.81
CH3 ACT K . -5.50 8.66 17.61
#